data_8OPP
#
_entry.id   8OPP
#
_cell.length_a   1.00
_cell.length_b   1.00
_cell.length_c   1.00
_cell.angle_alpha   90.00
_cell.angle_beta   90.00
_cell.angle_gamma   90.00
#
_symmetry.space_group_name_H-M   'P 1'
#
loop_
_entity.id
_entity.type
_entity.pdbx_description
1 polymer 'Terminal uridylyltransferase 7'
2 polymer 'RNA (25-MER)'
3 non-polymer '[[(2~{R},3~{S},4~{R},5~{R})-5-[2,4-bis(oxidanylidene)pyrimidin-1-yl]-3,4-bis(oxidanyl)oxolan-2-yl]methoxy-sulfanyl-phosphoryl] phosphono hydrogen phosphate'
#
loop_
_entity_poly.entity_id
_entity_poly.type
_entity_poly.pdbx_seq_one_letter_code
_entity_poly.pdbx_strand_id
1 'polypeptide(L)'
;MGDTAKPYFVKRTKDRGTMDDDDFRRGHPQQDYLIIDDHAKGHGSKMEKGLQKKKITPGNYGNTPRKGPCAVSSNPYAFK
NPIYSQPAWMNDSHKDQSKRWLSDEHTGNSDNWREFKPGPRIPVINRQRKDSFQENEDGYRWQDTRGCRTVRRLFHKDLT
SLETTSEMEAGSPENKKQRSRPRKPRKTRNEENEQDGDLEGPVIDESVLSTKELLGLQQAEERLKRDCIDRLKRRPRNYP
TAKYTCRLCDVLIESIAFAHKHIKEKRHKKNIKEKQEEELLTTLPPPTPSQINAVGIAIDKVVQEFGLHNENLEQRLEIK
RIMENVFQHKLPDCSLRLYGSSCSRLGFKNSDVNIDIQFPAIMSQPDVLLLVQECLKNSDSFIDVDADFHARVPVVVCRE
KQSGLLCKVSAGNENACLTTKHLTALGKLEPKLVPLVIAFRYWAKLCSIDRPEEGGLPPYVFALMAIFFLQQRKEPLLPV
YLGSWIEGFSLSKLGNFNLQDIEKDVVIWEHTDSAAGDTGITKEEAPRETPIKRGQVSLILDVKHQPSVPVGQLWVELLR
FYALEFNLADLVISIRVKELVSRELKDWPKKRIAIEDPYSVKRNVARTLNSQPVFEYILHCLRTTYKYFALPHKITKSSL
LKPLNAITCISEHSKEVINHHPDVQTKDDKLKNSVLAQGPGATSSAANTCKVQPLTLKETAESFGSPPKEEMGNEHISVH
PENSDCIQADVNSDDYKGDKVYHPETGRKNEKEKVGRKGKHLLTVDQKRGEHVVCGSTRNNESESTLDLEGFQNPTAKEC
EGLATLDNKADLDGESTEGTEELEDSLNHFTHSVQGQTSEMIPSDEEEEDDEEEEEEEEPRLTINQREDEDGMANEDELD
NTYTGSGDEDALSEEDDELGEAAKYEDVKECGKHVERALLVELNKISLKEENVCEEKNSPVDQSDFFYEFSKLIFTKGKS
PTVVCSLCKREGHLKKDCPEDFKRIQLEPLPPLTPKFLNILDQVCIQCYKDFSPTIIEDQAREHIRQNLESFIRQDFPGT
KLSLFGSSKNGFGFKQSDLDVCMTINGLETAEGLDCVRTIEELARVLRKHSGLRNILPITTAKVPIVKFFHLRSGLEVDI
SLYNTLALHNTRLLSAYSAIDPRVKYLCYTMKVFTKMCDIGDASRGSLSSYAYTLMVLYFLQQRNPPVIPVLQEIYKGEK
KPEIFVDGWNIYFFDQIDELPTYWSECGKNTESVGQLWLGLLRFYTEEFDFKEHVISIRRKSLLTTFKKQWTSKYIVIED
PFDLNHNLGAGLSRKMTNFIMKAFINGRRVFGIPVKGFPKDYPSKMEYFFDPDVLTEGELAPNDRCCRICGKIGHFMKDC
PMRRKVRRRRDQEDALNQRYPENKEKRSKEDKEIHNKYTEREVSTKEDKPIQCTPQKAKPMRAAADLGREKILRPPVEKW
KRQDDKDLREKRCFICGREGHIKKECPQFKGSSGSLSSKYMTQGKASAKRTQQES
;
A
2 'polyribonucleotide' UGAGGUAGUAGUGCCACUGCCUUGC D
#
# COMPACT_ATOMS: atom_id res chain seq x y z
N PRO A 287 -29.79 -23.43 28.62
CA PRO A 287 -29.81 -22.26 29.50
C PRO A 287 -31.09 -22.16 30.32
N THR A 288 -31.25 -21.05 31.05
CA THR A 288 -32.43 -20.83 31.88
C THR A 288 -32.97 -19.43 31.61
N PRO A 289 -34.31 -19.27 31.62
CA PRO A 289 -34.88 -17.95 31.30
C PRO A 289 -34.53 -16.87 32.30
N SER A 290 -34.39 -17.21 33.59
CA SER A 290 -34.11 -16.18 34.59
C SER A 290 -32.73 -15.56 34.36
N GLN A 291 -31.71 -16.39 34.19
CA GLN A 291 -30.39 -15.87 33.88
C GLN A 291 -30.37 -15.18 32.52
N ILE A 292 -31.21 -15.63 31.59
CA ILE A 292 -31.30 -14.96 30.30
C ILE A 292 -31.79 -13.52 30.48
N ASN A 293 -32.84 -13.34 31.29
CA ASN A 293 -33.33 -11.99 31.55
C ASN A 293 -32.32 -11.17 32.33
N ALA A 294 -31.60 -11.81 33.26
CA ALA A 294 -30.55 -11.09 33.98
C ALA A 294 -29.47 -10.59 33.03
N VAL A 295 -29.08 -11.42 32.07
CA VAL A 295 -28.09 -11.00 31.08
C VAL A 295 -28.67 -9.91 30.17
N GLY A 296 -29.96 -10.01 29.85
CA GLY A 296 -30.59 -8.98 29.05
C GLY A 296 -30.62 -7.64 29.74
N ILE A 297 -30.76 -7.63 31.06
CA ILE A 297 -30.72 -6.36 31.80
C ILE A 297 -29.39 -5.65 31.51
N ALA A 298 -28.28 -6.37 31.64
CA ALA A 298 -26.98 -5.78 31.36
C ALA A 298 -26.80 -5.46 29.88
N ILE A 299 -27.36 -6.28 28.98
CA ILE A 299 -27.18 -6.04 27.56
C ILE A 299 -27.88 -4.76 27.16
N ASP A 300 -29.02 -4.46 27.78
CA ASP A 300 -29.72 -3.21 27.54
C ASP A 300 -29.02 -2.04 28.23
N LYS A 301 -28.48 -2.28 29.42
CA LYS A 301 -27.76 -1.22 30.12
C LYS A 301 -26.55 -0.76 29.33
N VAL A 302 -25.80 -1.70 28.75
CA VAL A 302 -24.62 -1.35 27.97
C VAL A 302 -25.02 -0.49 26.77
N VAL A 303 -26.22 -0.71 26.22
CA VAL A 303 -26.71 0.17 25.18
C VAL A 303 -27.05 1.54 25.75
N GLN A 304 -27.69 1.57 26.92
CA GLN A 304 -28.08 2.85 27.52
C GLN A 304 -26.86 3.70 27.86
N GLU A 305 -25.84 3.09 28.45
CA GLU A 305 -24.63 3.78 28.85
C GLU A 305 -23.46 3.29 28.01
N PHE A 306 -22.65 4.22 27.51
CA PHE A 306 -21.56 3.90 26.60
C PHE A 306 -22.09 3.30 25.30
N GLY A 307 -23.29 3.70 24.91
CA GLY A 307 -23.89 3.23 23.67
C GLY A 307 -24.70 4.32 23.03
N LEU A 308 -24.83 4.23 21.71
CA LEU A 308 -25.54 5.26 20.96
C LEU A 308 -26.99 5.36 21.43
N HIS A 309 -27.45 6.59 21.64
CA HIS A 309 -28.80 6.89 22.08
C HIS A 309 -29.30 8.10 21.31
N ASN A 310 -30.63 8.28 21.28
CA ASN A 310 -31.24 9.23 20.36
C ASN A 310 -30.58 10.60 20.43
N GLU A 311 -30.25 11.06 21.64
CA GLU A 311 -29.57 12.35 21.78
C GLU A 311 -28.20 12.32 21.12
N ASN A 312 -27.48 11.20 21.27
CA ASN A 312 -26.17 11.09 20.61
C ASN A 312 -26.31 11.12 19.09
N LEU A 313 -27.33 10.44 18.56
CA LEU A 313 -27.57 10.48 17.12
C LEU A 313 -27.92 11.89 16.66
N GLU A 314 -28.70 12.62 17.46
CA GLU A 314 -29.02 14.00 17.11
C GLU A 314 -27.77 14.87 17.13
N GLN A 315 -26.88 14.66 18.09
CA GLN A 315 -25.62 15.40 18.13
C GLN A 315 -24.78 15.08 16.90
N ARG A 316 -24.75 13.81 16.50
CA ARG A 316 -24.02 13.42 15.29
C ARG A 316 -24.60 14.10 14.06
N LEU A 317 -25.93 14.16 13.97
CA LEU A 317 -26.56 14.87 12.87
C LEU A 317 -26.20 16.35 12.90
N GLU A 318 -26.13 16.94 14.09
CA GLU A 318 -25.78 18.35 14.21
C GLU A 318 -24.36 18.61 13.72
N ILE A 319 -23.42 17.74 14.09
CA ILE A 319 -22.04 17.92 13.61
C ILE A 319 -22.00 17.70 12.10
N LYS A 320 -22.83 16.79 11.58
CA LYS A 320 -22.90 16.61 10.13
C LYS A 320 -23.39 17.90 9.44
N ARG A 321 -24.41 18.54 10.02
CA ARG A 321 -24.88 19.80 9.46
C ARG A 321 -23.80 20.88 9.54
N ILE A 322 -23.05 20.92 10.64
CA ILE A 322 -21.96 21.87 10.76
C ILE A 322 -20.91 21.61 9.67
N MET A 323 -20.57 20.35 9.44
CA MET A 323 -19.63 20.00 8.38
C MET A 323 -20.16 20.40 7.01
N GLU A 324 -21.46 20.20 6.78
CA GLU A 324 -22.09 20.67 5.54
C GLU A 324 -21.90 22.17 5.38
N ASN A 325 -22.13 22.92 6.46
CA ASN A 325 -21.92 24.36 6.42
C ASN A 325 -20.47 24.69 6.07
N VAL A 326 -19.53 23.95 6.65
CA VAL A 326 -18.12 24.20 6.38
C VAL A 326 -17.81 23.98 4.91
N PHE A 327 -18.37 22.92 4.32
CA PHE A 327 -18.11 22.55 2.95
C PHE A 327 -19.08 23.19 1.96
N GLN A 328 -19.95 24.10 2.43
CA GLN A 328 -20.95 24.69 1.55
C GLN A 328 -20.30 25.35 0.33
N HIS A 329 -19.43 26.33 0.58
CA HIS A 329 -18.85 27.08 -0.54
C HIS A 329 -17.82 26.26 -1.30
N LYS A 330 -17.00 25.47 -0.59
CA LYS A 330 -15.91 24.76 -1.24
C LYS A 330 -16.42 23.53 -2.00
N LEU A 331 -17.43 22.85 -1.49
CA LEU A 331 -17.95 21.61 -2.07
C LEU A 331 -19.46 21.72 -2.24
N PRO A 332 -19.92 22.58 -3.14
CA PRO A 332 -21.38 22.63 -3.40
C PRO A 332 -21.86 21.43 -4.20
N ASP A 333 -21.12 21.01 -5.22
CA ASP A 333 -21.53 19.87 -6.04
C ASP A 333 -21.56 18.59 -5.22
N CYS A 334 -20.55 18.38 -4.36
CA CYS A 334 -20.45 17.17 -3.58
C CYS A 334 -21.46 17.17 -2.44
N SER A 335 -21.74 15.98 -1.92
CA SER A 335 -22.67 15.80 -0.81
C SER A 335 -22.01 14.93 0.25
N LEU A 336 -22.49 15.06 1.48
CA LEU A 336 -21.96 14.32 2.62
C LEU A 336 -22.99 13.31 3.13
N ARG A 337 -22.48 12.17 3.59
CA ARG A 337 -23.31 11.06 4.02
C ARG A 337 -22.89 10.61 5.40
N LEU A 338 -23.88 10.21 6.21
CA LEU A 338 -23.63 9.68 7.54
C LEU A 338 -23.58 8.15 7.46
N TYR A 339 -22.42 7.58 7.76
CA TYR A 339 -22.23 6.14 7.70
C TYR A 339 -21.42 5.71 8.92
N GLY A 340 -21.27 4.39 9.07
CA GLY A 340 -20.50 3.85 10.18
C GLY A 340 -21.35 3.68 11.43
N SER A 341 -20.64 3.53 12.55
CA SER A 341 -21.31 3.36 13.83
C SER A 341 -22.22 4.53 14.16
N SER A 342 -21.92 5.71 13.60
CA SER A 342 -22.74 6.89 13.87
C SER A 342 -24.17 6.66 13.40
N CYS A 343 -24.34 6.08 12.22
CA CYS A 343 -25.68 5.79 11.70
C CYS A 343 -26.14 4.38 12.03
N SER A 344 -25.23 3.47 12.38
CA SER A 344 -25.62 2.09 12.68
C SER A 344 -26.26 1.96 14.06
N ARG A 345 -25.88 2.82 15.01
CA ARG A 345 -26.31 2.69 16.39
C ARG A 345 -25.85 1.37 17.00
N LEU A 346 -24.69 0.89 16.53
CA LEU A 346 -24.13 -0.38 16.99
C LEU A 346 -22.75 -0.21 17.61
N GLY A 347 -22.44 0.99 18.09
CA GLY A 347 -21.14 1.28 18.68
C GLY A 347 -21.29 1.94 20.04
N PHE A 348 -20.47 2.97 20.26
CA PHE A 348 -20.43 3.67 21.54
C PHE A 348 -20.31 5.16 21.29
N LYS A 349 -20.62 5.95 22.32
CA LYS A 349 -20.49 7.40 22.20
C LYS A 349 -19.06 7.81 21.92
N ASN A 350 -18.10 7.16 22.57
CA ASN A 350 -16.69 7.46 22.31
C ASN A 350 -16.32 7.13 20.87
N SER A 351 -16.96 6.11 20.30
CA SER A 351 -16.65 5.70 18.93
C SER A 351 -16.61 6.90 17.99
N ASP A 352 -15.69 6.85 17.04
CA ASP A 352 -15.49 7.95 16.11
C ASP A 352 -16.77 8.26 15.34
N VAL A 353 -16.78 9.45 14.73
CA VAL A 353 -17.87 9.89 13.88
C VAL A 353 -17.41 9.68 12.43
N ASN A 354 -17.95 8.65 11.78
CA ASN A 354 -17.58 8.35 10.40
C ASN A 354 -18.49 9.14 9.46
N ILE A 355 -17.87 9.89 8.54
CA ILE A 355 -18.60 10.66 7.54
C ILE A 355 -18.00 10.35 6.18
N ASP A 356 -18.85 10.29 5.16
CA ASP A 356 -18.44 9.92 3.81
C ASP A 356 -18.71 11.08 2.87
N ILE A 357 -17.85 11.23 1.86
CA ILE A 357 -17.97 12.26 0.85
C ILE A 357 -18.39 11.58 -0.44
N GLN A 358 -19.68 11.67 -0.77
CA GLN A 358 -20.21 11.09 -2.00
C GLN A 358 -19.96 12.06 -3.15
N PHE A 359 -18.68 12.23 -3.48
CA PHE A 359 -18.29 13.15 -4.52
C PHE A 359 -18.82 12.69 -5.88
N PRO A 360 -19.13 13.62 -6.78
CA PRO A 360 -19.67 13.22 -8.09
C PRO A 360 -18.64 12.48 -8.93
N ALA A 361 -19.05 12.03 -10.12
CA ALA A 361 -18.14 11.30 -11.00
C ALA A 361 -16.96 12.17 -11.43
N ILE A 362 -17.23 13.45 -11.71
CA ILE A 362 -16.17 14.34 -12.16
C ILE A 362 -15.07 14.46 -11.11
N MET A 363 -15.46 14.60 -9.85
CA MET A 363 -14.49 14.71 -8.77
C MET A 363 -13.80 13.37 -8.55
N SER A 364 -12.59 13.43 -7.98
CA SER A 364 -11.79 12.25 -7.69
C SER A 364 -11.49 12.18 -6.21
N GLN A 365 -11.30 10.96 -5.71
CA GLN A 365 -11.06 10.76 -4.28
C GLN A 365 -9.84 11.50 -3.78
N PRO A 366 -8.68 11.45 -4.45
CA PRO A 366 -7.48 12.12 -3.90
C PRO A 366 -7.66 13.61 -3.69
N ASP A 367 -8.02 14.33 -4.75
CA ASP A 367 -8.17 15.78 -4.65
C ASP A 367 -9.29 16.15 -3.70
N VAL A 368 -10.40 15.40 -3.73
CA VAL A 368 -11.53 15.70 -2.85
C VAL A 368 -11.10 15.57 -1.40
N LEU A 369 -10.40 14.49 -1.07
CA LEU A 369 -9.95 14.29 0.31
C LEU A 369 -8.94 15.35 0.72
N LEU A 370 -8.02 15.70 -0.19
CA LEU A 370 -7.01 16.70 0.15
C LEU A 370 -7.65 18.06 0.40
N LEU A 371 -8.61 18.47 -0.43
CA LEU A 371 -9.26 19.76 -0.21
C LEU A 371 -10.17 19.70 1.01
N VAL A 372 -10.73 18.52 1.32
CA VAL A 372 -11.47 18.37 2.57
C VAL A 372 -10.55 18.61 3.76
N GLN A 373 -9.35 18.02 3.73
CA GLN A 373 -8.40 18.24 4.81
C GLN A 373 -8.00 19.70 4.91
N GLU A 374 -7.79 20.36 3.76
CA GLU A 374 -7.44 21.78 3.77
C GLU A 374 -8.55 22.62 4.38
N CYS A 375 -9.81 22.34 4.00
CA CYS A 375 -10.93 23.07 4.57
C CYS A 375 -11.03 22.84 6.07
N LEU A 376 -10.80 21.60 6.51
CA LEU A 376 -10.80 21.30 7.94
C LEU A 376 -9.71 22.09 8.65
N LYS A 377 -8.53 22.19 8.03
CA LYS A 377 -7.42 22.90 8.65
C LYS A 377 -7.73 24.38 8.79
N ASN A 378 -8.16 25.03 7.70
CA ASN A 378 -8.39 26.47 7.75
C ASN A 378 -9.54 26.82 8.68
N SER A 379 -10.60 26.01 8.67
CA SER A 379 -11.74 26.26 9.54
C SER A 379 -11.32 26.19 11.01
N ASP A 380 -11.79 27.16 11.80
CA ASP A 380 -11.43 27.23 13.20
C ASP A 380 -12.26 26.30 14.08
N SER A 381 -13.38 25.77 13.58
CA SER A 381 -14.22 24.90 14.40
C SER A 381 -13.47 23.65 14.83
N PHE A 382 -12.71 23.04 13.93
CA PHE A 382 -11.96 21.82 14.21
C PHE A 382 -10.52 22.15 14.57
N ILE A 383 -9.88 21.23 15.30
CA ILE A 383 -8.50 21.37 15.71
C ILE A 383 -7.77 20.06 15.45
N ASP A 384 -6.46 20.09 15.68
CA ASP A 384 -5.58 18.94 15.49
C ASP A 384 -5.89 18.20 14.19
N VAL A 385 -6.16 18.94 13.12
CA VAL A 385 -6.39 18.33 11.82
C VAL A 385 -5.08 17.78 11.29
N ASP A 386 -5.07 16.48 10.96
CA ASP A 386 -3.87 15.80 10.50
C ASP A 386 -4.23 14.91 9.32
N ALA A 387 -3.23 14.19 8.81
CA ALA A 387 -3.39 13.29 7.68
C ALA A 387 -3.24 11.86 8.16
N ASP A 388 -4.25 11.04 7.91
CA ASP A 388 -4.23 9.61 8.22
C ASP A 388 -4.35 8.78 6.96
N PHE A 389 -3.78 9.26 5.86
CA PHE A 389 -3.92 8.57 4.58
C PHE A 389 -3.22 7.23 4.58
N HIS A 390 -2.25 7.03 5.48
CA HIS A 390 -1.49 5.79 5.51
C HIS A 390 -2.36 4.58 5.82
N ALA A 391 -3.52 4.78 6.46
CA ALA A 391 -4.37 3.66 6.82
C ALA A 391 -4.81 2.90 5.57
N ARG A 392 -5.34 1.70 5.79
CA ARG A 392 -5.81 0.88 4.67
C ARG A 392 -6.93 1.59 3.91
N VAL A 393 -7.87 2.18 4.63
CA VAL A 393 -8.95 2.95 4.02
C VAL A 393 -8.52 4.41 3.96
N PRO A 394 -8.68 5.10 2.83
CA PRO A 394 -8.28 6.51 2.77
C PRO A 394 -9.16 7.38 3.66
N VAL A 395 -8.59 7.90 4.75
CA VAL A 395 -9.34 8.62 5.76
C VAL A 395 -8.60 9.89 6.16
N VAL A 396 -9.35 10.84 6.68
CA VAL A 396 -8.82 12.08 7.23
C VAL A 396 -9.36 12.23 8.64
N VAL A 397 -8.46 12.50 9.60
CA VAL A 397 -8.80 12.55 11.02
C VAL A 397 -9.04 13.99 11.42
N CYS A 398 -10.10 14.21 12.20
CA CYS A 398 -10.49 15.56 12.63
C CYS A 398 -11.05 15.47 14.04
N ARG A 399 -11.13 16.63 14.69
CA ARG A 399 -11.72 16.71 16.03
C ARG A 399 -12.29 18.11 16.22
N GLU A 400 -13.42 18.17 16.94
CA GLU A 400 -14.09 19.43 17.25
C GLU A 400 -13.76 19.85 18.67
N LYS A 401 -13.37 21.12 18.84
CA LYS A 401 -13.08 21.63 20.18
C LYS A 401 -14.35 21.83 21.00
N GLN A 402 -15.52 21.85 20.36
CA GLN A 402 -16.77 22.00 21.07
C GLN A 402 -17.31 20.64 21.54
N SER A 403 -17.55 19.73 20.59
CA SER A 403 -18.04 18.41 20.93
C SER A 403 -16.94 17.53 21.53
N GLY A 404 -15.70 17.73 21.10
CA GLY A 404 -14.60 16.91 21.60
C GLY A 404 -14.72 15.45 21.20
N LEU A 405 -15.16 15.18 19.98
CA LEU A 405 -15.35 13.83 19.47
C LEU A 405 -14.49 13.63 18.23
N LEU A 406 -13.72 12.54 18.22
CA LEU A 406 -12.92 12.21 17.05
C LEU A 406 -13.83 11.87 15.87
N CYS A 407 -13.47 12.39 14.69
CA CYS A 407 -14.23 12.14 13.47
C CYS A 407 -13.27 11.73 12.36
N LYS A 408 -13.78 10.92 11.44
CA LYS A 408 -13.01 10.44 10.31
C LYS A 408 -13.82 10.61 9.03
N VAL A 409 -13.22 11.26 8.04
CA VAL A 409 -13.85 11.55 6.76
C VAL A 409 -13.25 10.63 5.71
N SER A 410 -14.11 9.93 4.98
CA SER A 410 -13.69 8.99 3.96
C SER A 410 -14.34 9.37 2.63
N ALA A 411 -13.89 8.70 1.57
CA ALA A 411 -14.44 8.88 0.23
C ALA A 411 -14.75 7.52 -0.37
N GLY A 412 -15.77 7.49 -1.22
CA GLY A 412 -16.21 6.20 -1.76
C GLY A 412 -16.66 5.30 -0.64
N ASN A 413 -16.11 4.09 -0.60
CA ASN A 413 -16.41 3.13 0.46
C ASN A 413 -17.91 2.89 0.58
N GLU A 414 -18.58 2.75 -0.57
CA GLU A 414 -20.02 2.55 -0.57
C GLU A 414 -20.42 1.20 0.02
N ASN A 415 -19.53 0.22 0.03
CA ASN A 415 -19.87 -1.07 0.63
C ASN A 415 -20.08 -0.93 2.13
N ALA A 416 -19.21 -0.16 2.81
CA ALA A 416 -19.39 0.06 4.24
C ALA A 416 -20.71 0.77 4.52
N CYS A 417 -21.04 1.79 3.72
CA CYS A 417 -22.30 2.48 3.90
C CYS A 417 -23.48 1.54 3.70
N LEU A 418 -23.42 0.69 2.68
CA LEU A 418 -24.53 -0.21 2.39
C LEU A 418 -24.71 -1.22 3.54
N THR A 419 -23.61 -1.80 4.01
CA THR A 419 -23.72 -2.79 5.09
C THR A 419 -24.19 -2.13 6.38
N THR A 420 -23.74 -0.91 6.66
CA THR A 420 -24.21 -0.20 7.84
C THR A 420 -25.70 0.11 7.74
N LYS A 421 -26.16 0.52 6.56
CA LYS A 421 -27.58 0.78 6.36
C LYS A 421 -28.40 -0.49 6.57
N HIS A 422 -27.92 -1.61 6.03
CA HIS A 422 -28.62 -2.88 6.23
C HIS A 422 -28.66 -3.26 7.70
N LEU A 423 -27.53 -3.09 8.41
CA LEU A 423 -27.48 -3.43 9.82
C LEU A 423 -28.44 -2.59 10.64
N THR A 424 -28.48 -1.27 10.38
CA THR A 424 -29.38 -0.41 11.14
C THR A 424 -30.83 -0.70 10.80
N ALA A 425 -31.13 -1.00 9.54
CA ALA A 425 -32.50 -1.34 9.16
C ALA A 425 -32.94 -2.61 9.89
N LEU A 426 -32.08 -3.62 9.92
CA LEU A 426 -32.42 -4.85 10.61
C LEU A 426 -32.58 -4.62 12.11
N GLY A 427 -31.70 -3.80 12.70
CA GLY A 427 -31.82 -3.51 14.12
C GLY A 427 -33.11 -2.80 14.46
N LYS A 428 -33.50 -1.82 13.63
CA LYS A 428 -34.77 -1.14 13.83
C LYS A 428 -35.93 -2.12 13.69
N LEU A 429 -35.88 -2.98 12.68
CA LEU A 429 -36.93 -3.98 12.51
C LEU A 429 -36.95 -4.96 13.67
N GLU A 430 -35.77 -5.42 14.10
CA GLU A 430 -35.66 -6.39 15.18
C GLU A 430 -35.00 -5.74 16.40
N PRO A 431 -35.75 -5.42 17.46
CA PRO A 431 -35.13 -4.76 18.62
C PRO A 431 -34.05 -5.61 19.28
N LYS A 432 -34.07 -6.93 19.10
CA LYS A 432 -33.09 -7.78 19.76
C LYS A 432 -31.71 -7.65 19.16
N LEU A 433 -31.61 -7.34 17.86
CA LEU A 433 -30.32 -7.31 17.19
C LEU A 433 -29.41 -6.22 17.78
N VAL A 434 -29.96 -5.02 18.00
CA VAL A 434 -29.11 -3.89 18.42
C VAL A 434 -28.40 -4.17 19.74
N PRO A 435 -29.09 -4.57 20.82
CA PRO A 435 -28.36 -4.89 22.05
C PRO A 435 -27.33 -5.99 21.88
N LEU A 436 -27.64 -7.01 21.07
CA LEU A 436 -26.72 -8.12 20.89
C LEU A 436 -25.44 -7.66 20.20
N VAL A 437 -25.57 -6.88 19.12
CA VAL A 437 -24.39 -6.39 18.42
C VAL A 437 -23.62 -5.41 19.30
N ILE A 438 -24.34 -4.59 20.08
CA ILE A 438 -23.66 -3.66 20.98
C ILE A 438 -22.84 -4.42 22.01
N ALA A 439 -23.41 -5.50 22.57
CA ALA A 439 -22.68 -6.30 23.55
C ALA A 439 -21.47 -6.99 22.90
N PHE A 440 -21.63 -7.49 21.68
CA PHE A 440 -20.49 -8.09 20.99
C PHE A 440 -19.38 -7.06 20.79
N ARG A 441 -19.76 -5.83 20.40
CA ARG A 441 -18.78 -4.78 20.20
C ARG A 441 -18.08 -4.43 21.51
N TYR A 442 -18.83 -4.33 22.61
CA TYR A 442 -18.23 -4.01 23.90
C TYR A 442 -17.29 -5.12 24.35
N TRP A 443 -17.68 -6.38 24.16
CA TRP A 443 -16.82 -7.49 24.50
C TRP A 443 -15.53 -7.44 23.68
N ALA A 444 -15.64 -7.14 22.38
CA ALA A 444 -14.46 -7.02 21.56
C ALA A 444 -13.55 -5.89 22.03
N LYS A 445 -14.15 -4.75 22.39
CA LYS A 445 -13.35 -3.62 22.86
C LYS A 445 -12.62 -3.95 24.15
N LEU A 446 -13.32 -4.59 25.10
CA LEU A 446 -12.70 -4.97 26.37
C LEU A 446 -11.63 -6.04 26.16
N CYS A 447 -11.82 -6.91 25.18
CA CYS A 447 -10.88 -8.00 24.93
C CYS A 447 -9.70 -7.58 24.07
N SER A 448 -9.71 -6.36 23.53
CA SER A 448 -8.63 -5.78 22.73
C SER A 448 -8.64 -6.27 21.29
N ILE A 449 -9.69 -6.96 20.85
CA ILE A 449 -9.77 -7.41 19.46
C ILE A 449 -10.37 -6.37 18.54
N ASP A 450 -10.87 -5.25 19.08
CA ASP A 450 -11.47 -4.22 18.23
C ASP A 450 -10.43 -3.58 17.33
N ARG A 451 -9.22 -3.36 17.83
CA ARG A 451 -8.21 -2.63 17.07
C ARG A 451 -7.68 -3.47 15.92
N PRO A 452 -7.84 -3.05 14.67
CA PRO A 452 -7.24 -3.82 13.56
C PRO A 452 -5.73 -3.91 13.63
N GLU A 453 -5.05 -2.87 14.13
CA GLU A 453 -3.60 -2.87 14.14
C GLU A 453 -3.05 -3.96 15.06
N GLU A 454 -3.72 -4.20 16.18
CA GLU A 454 -3.29 -5.20 17.15
C GLU A 454 -3.59 -6.63 16.70
N GLY A 455 -4.00 -6.83 15.44
CA GLY A 455 -4.30 -8.14 14.94
C GLY A 455 -5.75 -8.56 15.08
N GLY A 456 -6.57 -7.77 15.77
CA GLY A 456 -7.97 -8.10 15.92
C GLY A 456 -8.77 -7.80 14.67
N LEU A 457 -9.95 -8.42 14.58
CA LEU A 457 -10.82 -8.23 13.43
C LEU A 457 -11.67 -6.97 13.60
N PRO A 458 -12.13 -6.38 12.48
CA PRO A 458 -12.87 -5.12 12.60
C PRO A 458 -14.20 -5.33 13.30
N PRO A 459 -14.69 -4.32 14.02
CA PRO A 459 -16.01 -4.45 14.66
C PRO A 459 -17.15 -4.68 13.69
N TYR A 460 -17.06 -4.10 12.49
CA TYR A 460 -18.12 -4.32 11.49
C TYR A 460 -18.23 -5.79 11.14
N VAL A 461 -17.10 -6.48 11.04
CA VAL A 461 -17.12 -7.92 10.80
C VAL A 461 -17.74 -8.65 11.98
N PHE A 462 -17.61 -8.10 13.19
CA PHE A 462 -18.26 -8.73 14.34
C PHE A 462 -19.78 -8.55 14.28
N ALA A 463 -20.24 -7.38 13.84
CA ALA A 463 -21.68 -7.22 13.63
C ALA A 463 -22.17 -8.17 12.55
N LEU A 464 -21.38 -8.34 11.50
CA LEU A 464 -21.74 -9.31 10.46
C LEU A 464 -21.77 -10.73 11.02
N MET A 465 -20.83 -11.06 11.91
CA MET A 465 -20.87 -12.37 12.56
C MET A 465 -22.16 -12.54 13.36
N ALA A 466 -22.55 -11.49 14.09
CA ALA A 466 -23.76 -11.57 14.90
C ALA A 466 -25.00 -11.80 14.03
N ILE A 467 -25.12 -11.04 12.95
CA ILE A 467 -26.29 -11.22 12.11
C ILE A 467 -26.24 -12.55 11.37
N PHE A 468 -25.04 -13.04 11.05
CA PHE A 468 -24.92 -14.38 10.47
C PHE A 468 -25.41 -15.43 11.45
N PHE A 469 -25.06 -15.30 12.73
CA PHE A 469 -25.57 -16.23 13.73
C PHE A 469 -27.09 -16.16 13.79
N LEU A 470 -27.63 -14.94 13.82
CA LEU A 470 -29.09 -14.79 13.83
C LEU A 470 -29.72 -15.51 12.64
N GLN A 471 -29.07 -15.43 11.48
CA GLN A 471 -29.60 -16.07 10.28
C GLN A 471 -29.52 -17.59 10.37
N GLN A 472 -28.37 -18.11 10.79
CA GLN A 472 -28.12 -19.55 10.68
C GLN A 472 -28.87 -20.36 11.74
N ARG A 473 -28.93 -19.86 12.97
CA ARG A 473 -29.37 -20.68 14.09
C ARG A 473 -30.79 -21.22 13.84
N LYS A 474 -31.05 -22.38 14.44
CA LYS A 474 -32.35 -23.02 14.29
C LYS A 474 -33.46 -22.04 14.68
N GLU A 475 -34.64 -22.24 14.09
CA GLU A 475 -35.75 -21.31 14.22
C GLU A 475 -35.27 -19.90 13.88
N PRO A 476 -34.69 -19.70 12.70
CA PRO A 476 -34.08 -18.40 12.39
C PRO A 476 -35.10 -17.28 12.42
N LEU A 477 -34.67 -16.12 12.95
CA LEU A 477 -35.54 -14.96 13.02
C LEU A 477 -35.66 -14.26 11.68
N LEU A 478 -34.63 -14.33 10.84
CA LEU A 478 -34.60 -13.64 9.56
C LEU A 478 -34.27 -14.61 8.43
N PRO A 479 -34.69 -14.29 7.21
CA PRO A 479 -34.32 -15.11 6.06
C PRO A 479 -33.05 -14.59 5.39
N VAL A 480 -32.59 -15.37 4.40
CA VAL A 480 -31.45 -14.98 3.59
C VAL A 480 -31.97 -14.31 2.32
N TYR A 481 -31.18 -13.36 1.80
CA TYR A 481 -31.62 -12.58 0.65
C TYR A 481 -31.39 -13.28 -0.68
N LEU A 482 -30.69 -14.42 -0.69
CA LEU A 482 -30.55 -15.26 -1.86
C LEU A 482 -31.29 -16.56 -1.59
N GLY A 483 -32.47 -16.72 -2.21
CA GLY A 483 -33.30 -17.88 -1.99
C GLY A 483 -32.97 -18.98 -2.97
N SER A 484 -32.82 -20.21 -2.44
CA SER A 484 -32.55 -21.35 -3.29
C SER A 484 -33.68 -21.63 -4.27
N TRP A 485 -34.90 -21.21 -3.93
CA TRP A 485 -36.04 -21.41 -4.81
C TRP A 485 -35.98 -20.54 -6.05
N ILE A 486 -35.19 -19.47 -6.04
CA ILE A 486 -35.10 -18.59 -7.19
C ILE A 486 -34.54 -19.34 -8.38
N GLU A 487 -35.09 -19.08 -9.56
CA GLU A 487 -34.68 -19.78 -10.76
C GLU A 487 -33.23 -19.46 -11.12
N GLY A 488 -32.55 -20.44 -11.69
CA GLY A 488 -31.18 -20.25 -12.15
C GLY A 488 -30.21 -19.93 -11.04
N PHE A 489 -30.29 -20.66 -9.93
CA PHE A 489 -29.40 -20.48 -8.79
C PHE A 489 -28.65 -21.76 -8.51
N SER A 490 -27.35 -21.63 -8.26
CA SER A 490 -26.51 -22.77 -7.92
C SER A 490 -25.40 -22.30 -6.98
N LEU A 491 -24.87 -23.24 -6.21
CA LEU A 491 -23.80 -22.91 -5.28
C LEU A 491 -22.56 -22.40 -6.01
N SER A 492 -22.21 -23.04 -7.13
CA SER A 492 -21.07 -22.59 -7.91
C SER A 492 -21.29 -21.20 -8.52
N LYS A 493 -22.54 -20.75 -8.61
CA LYS A 493 -22.88 -19.45 -9.17
C LYS A 493 -22.94 -18.35 -8.11
N LEU A 494 -22.60 -18.66 -6.86
CA LEU A 494 -22.70 -17.67 -5.80
C LEU A 494 -21.89 -16.42 -6.12
N GLY A 495 -20.73 -16.58 -6.77
CA GLY A 495 -19.92 -15.43 -7.10
C GLY A 495 -20.64 -14.45 -8.01
N ASN A 496 -21.40 -14.96 -8.98
CA ASN A 496 -22.12 -14.09 -9.90
C ASN A 496 -23.17 -13.27 -9.17
N PHE A 497 -23.90 -13.88 -8.23
CA PHE A 497 -24.93 -13.18 -7.50
C PHE A 497 -24.32 -12.14 -6.58
N ASN A 498 -25.01 -11.01 -6.42
CA ASN A 498 -24.55 -9.94 -5.54
C ASN A 498 -25.75 -9.16 -5.03
N LEU A 499 -25.55 -8.46 -3.92
CA LEU A 499 -26.57 -7.63 -3.30
C LEU A 499 -26.22 -6.17 -3.53
N GLN A 500 -27.20 -5.38 -4.00
CA GLN A 500 -26.95 -3.99 -4.37
C GLN A 500 -27.25 -3.03 -3.22
N ASP A 501 -28.49 -3.04 -2.74
CA ASP A 501 -28.92 -2.09 -1.71
C ASP A 501 -30.35 -2.44 -1.32
N ILE A 502 -30.76 -1.92 -0.16
CA ILE A 502 -32.12 -2.09 0.34
C ILE A 502 -32.95 -0.89 -0.12
N GLU A 503 -34.07 -1.17 -0.79
CA GLU A 503 -34.97 -0.14 -1.28
C GLU A 503 -36.38 -0.43 -0.78
N LYS A 504 -37.02 0.60 -0.21
CA LYS A 504 -38.38 0.45 0.32
C LYS A 504 -38.48 -0.71 1.30
N ASP A 505 -37.46 -0.85 2.14
CA ASP A 505 -37.38 -1.96 3.10
C ASP A 505 -37.48 -3.31 2.38
N VAL A 506 -36.86 -3.40 1.22
CA VAL A 506 -36.76 -4.63 0.45
C VAL A 506 -35.34 -4.75 -0.08
N VAL A 507 -34.73 -5.92 0.11
CA VAL A 507 -33.36 -6.14 -0.34
C VAL A 507 -33.36 -6.36 -1.84
N ILE A 508 -32.52 -5.60 -2.55
CA ILE A 508 -32.36 -5.73 -3.99
C ILE A 508 -31.06 -6.47 -4.26
N TRP A 509 -31.13 -7.52 -5.08
CA TRP A 509 -29.95 -8.26 -5.48
C TRP A 509 -30.01 -8.54 -6.97
N GLU A 510 -28.83 -8.60 -7.59
CA GLU A 510 -28.69 -8.77 -9.02
C GLU A 510 -27.82 -9.99 -9.31
N HIS A 511 -28.03 -10.57 -10.49
CA HIS A 511 -27.31 -11.75 -10.95
C HIS A 511 -26.61 -11.44 -12.26
N THR A 512 -25.38 -11.91 -12.40
CA THR A 512 -24.60 -11.69 -13.61
C THR A 512 -23.81 -12.94 -13.99
N PRO A 531 -28.87 -12.91 -19.87
CA PRO A 531 -29.69 -11.87 -19.25
C PRO A 531 -29.38 -11.69 -17.77
N ILE A 532 -30.10 -10.78 -17.11
CA ILE A 532 -29.93 -10.49 -15.69
C ILE A 532 -31.22 -10.84 -14.97
N LYS A 533 -31.10 -11.65 -13.91
CA LYS A 533 -32.24 -12.07 -13.12
C LYS A 533 -32.15 -11.42 -11.74
N ARG A 534 -33.21 -10.73 -11.35
CA ARG A 534 -33.29 -10.05 -10.06
C ARG A 534 -34.52 -10.53 -9.31
N GLY A 535 -34.34 -10.90 -8.05
CA GLY A 535 -35.44 -11.36 -7.22
C GLY A 535 -35.57 -10.59 -5.92
N GLN A 536 -36.70 -9.93 -5.73
CA GLN A 536 -36.92 -9.13 -4.54
C GLN A 536 -37.20 -10.03 -3.35
N VAL A 537 -36.53 -9.78 -2.23
CA VAL A 537 -36.68 -10.54 -1.01
C VAL A 537 -37.05 -9.59 0.12
N SER A 538 -38.13 -9.89 0.82
CA SER A 538 -38.53 -9.08 1.97
C SER A 538 -37.58 -9.33 3.14
N LEU A 539 -37.31 -8.27 3.91
CA LEU A 539 -36.40 -8.40 5.04
C LEU A 539 -36.95 -9.36 6.09
N ILE A 540 -38.25 -9.29 6.36
CA ILE A 540 -38.90 -10.12 7.36
C ILE A 540 -39.92 -11.01 6.66
N LEU A 541 -39.83 -12.31 6.94
CA LEU A 541 -40.83 -13.24 6.43
C LEU A 541 -42.19 -12.94 7.06
N ASP A 542 -43.25 -13.22 6.29
CA ASP A 542 -44.61 -12.99 6.79
C ASP A 542 -44.98 -14.08 7.78
N VAL A 543 -44.30 -14.12 8.92
CA VAL A 543 -44.50 -15.14 9.95
C VAL A 543 -44.90 -14.43 11.23
N LYS A 544 -46.07 -14.79 11.78
CA LYS A 544 -46.53 -14.24 13.04
C LYS A 544 -46.13 -15.09 14.24
N HIS A 545 -45.54 -16.26 14.03
CA HIS A 545 -45.09 -17.14 15.09
C HIS A 545 -43.57 -17.18 15.08
N GLN A 546 -42.95 -16.41 15.97
CA GLN A 546 -41.51 -16.32 16.11
C GLN A 546 -41.14 -16.49 17.57
N PRO A 547 -39.91 -16.92 17.86
CA PRO A 547 -39.51 -17.11 19.25
C PRO A 547 -39.62 -15.81 20.04
N SER A 548 -40.06 -15.93 21.29
CA SER A 548 -40.23 -14.79 22.18
C SER A 548 -39.17 -14.76 23.27
N VAL A 549 -38.05 -15.46 23.07
CA VAL A 549 -36.99 -15.51 24.08
C VAL A 549 -36.37 -14.13 24.22
N PRO A 550 -35.94 -13.74 25.43
CA PRO A 550 -35.29 -12.43 25.58
C PRO A 550 -33.99 -12.35 24.81
N VAL A 551 -33.39 -11.15 24.82
CA VAL A 551 -32.15 -10.94 24.10
C VAL A 551 -31.01 -11.74 24.71
N GLY A 552 -31.07 -11.99 26.02
CA GLY A 552 -30.05 -12.80 26.65
C GLY A 552 -29.96 -14.19 26.04
N GLN A 553 -31.11 -14.76 25.67
CA GLN A 553 -31.11 -16.04 24.98
C GLN A 553 -30.37 -15.95 23.66
N LEU A 554 -30.60 -14.86 22.91
CA LEU A 554 -29.90 -14.69 21.64
C LEU A 554 -28.39 -14.56 21.85
N TRP A 555 -27.98 -13.81 22.87
CA TRP A 555 -26.55 -13.64 23.14
C TRP A 555 -25.91 -14.97 23.52
N VAL A 556 -26.58 -15.74 24.39
CA VAL A 556 -26.04 -17.03 24.81
C VAL A 556 -25.99 -17.99 23.63
N GLU A 557 -27.00 -17.94 22.76
CA GLU A 557 -26.99 -18.80 21.58
C GLU A 557 -25.87 -18.42 20.64
N LEU A 558 -25.61 -17.12 20.47
CA LEU A 558 -24.46 -16.69 19.67
C LEU A 558 -23.16 -17.24 20.23
N LEU A 559 -22.98 -17.11 21.55
CA LEU A 559 -21.75 -17.60 22.17
C LEU A 559 -21.62 -19.11 21.98
N ARG A 560 -22.71 -19.85 22.18
CA ARG A 560 -22.69 -21.30 22.03
C ARG A 560 -22.34 -21.68 20.59
N PHE A 561 -22.99 -21.05 19.61
CA PHE A 561 -22.77 -21.41 18.22
C PHE A 561 -21.35 -21.11 17.80
N TYR A 562 -20.82 -19.94 18.17
CA TYR A 562 -19.49 -19.57 17.70
C TYR A 562 -18.40 -20.33 18.44
N ALA A 563 -18.54 -20.52 19.76
CA ALA A 563 -17.49 -21.16 20.52
C ALA A 563 -17.41 -22.66 20.24
N LEU A 564 -18.55 -23.35 20.19
CA LEU A 564 -18.58 -24.80 20.12
C LEU A 564 -19.17 -25.32 18.82
N GLU A 565 -20.39 -24.92 18.47
CA GLU A 565 -21.07 -25.54 17.35
C GLU A 565 -20.35 -25.30 16.03
N PHE A 566 -19.90 -24.06 15.81
CA PHE A 566 -19.27 -23.70 14.53
C PHE A 566 -17.77 -23.87 14.61
N ASN A 567 -17.19 -24.35 13.51
CA ASN A 567 -15.74 -24.49 13.37
C ASN A 567 -15.23 -23.28 12.60
N LEU A 568 -14.64 -22.32 13.33
CA LEU A 568 -14.16 -21.10 12.69
C LEU A 568 -13.04 -21.36 11.70
N ALA A 569 -12.33 -22.48 11.84
CA ALA A 569 -11.23 -22.83 10.95
C ALA A 569 -11.63 -23.81 9.86
N ASP A 570 -12.92 -24.07 9.70
CA ASP A 570 -13.42 -25.03 8.72
C ASP A 570 -14.27 -24.38 7.63
N LEU A 571 -15.23 -23.55 8.02
CA LEU A 571 -16.15 -22.93 7.08
C LEU A 571 -16.06 -21.41 7.18
N VAL A 572 -16.70 -20.73 6.22
CA VAL A 572 -16.68 -19.28 6.12
C VAL A 572 -17.97 -18.74 6.72
N ILE A 573 -17.84 -17.72 7.57
CA ILE A 573 -19.01 -17.08 8.19
C ILE A 573 -19.40 -15.94 7.27
N SER A 574 -20.20 -16.27 6.25
CA SER A 574 -20.68 -15.30 5.29
C SER A 574 -22.15 -15.55 5.02
N ILE A 575 -22.92 -14.47 4.95
CA ILE A 575 -24.37 -14.55 4.76
C ILE A 575 -24.64 -14.38 3.28
N ARG A 576 -24.62 -15.49 2.54
CA ARG A 576 -25.02 -15.49 1.14
C ARG A 576 -26.19 -16.43 0.88
N VAL A 577 -26.12 -17.67 1.38
CA VAL A 577 -27.20 -18.65 1.23
C VAL A 577 -27.31 -19.45 2.52
N LYS A 578 -28.46 -20.12 2.66
CA LYS A 578 -28.67 -20.97 3.83
C LYS A 578 -27.66 -22.11 3.87
N GLU A 579 -27.37 -22.71 2.72
CA GLU A 579 -26.45 -23.84 2.66
C GLU A 579 -25.10 -23.46 3.24
N LEU A 580 -24.56 -24.32 4.09
CA LEU A 580 -23.26 -24.10 4.69
C LEU A 580 -22.18 -24.24 3.61
N VAL A 581 -21.57 -23.12 3.26
CA VAL A 581 -20.61 -23.10 2.15
C VAL A 581 -19.29 -23.69 2.62
N SER A 582 -18.81 -24.70 1.90
CA SER A 582 -17.50 -25.28 2.20
C SER A 582 -16.39 -24.31 1.79
N ARG A 583 -15.27 -24.40 2.50
CA ARG A 583 -14.15 -23.50 2.23
C ARG A 583 -13.61 -23.70 0.82
N GLU A 584 -13.49 -24.96 0.39
CA GLU A 584 -12.94 -25.25 -0.94
C GLU A 584 -13.84 -24.75 -2.05
N LEU A 585 -15.14 -24.58 -1.81
CA LEU A 585 -16.05 -24.18 -2.86
C LEU A 585 -15.70 -22.81 -3.42
N LYS A 586 -15.41 -21.85 -2.54
CA LYS A 586 -15.08 -20.49 -2.95
C LYS A 586 -13.59 -20.20 -2.89
N ASP A 587 -12.76 -21.21 -2.63
CA ASP A 587 -11.30 -21.09 -2.71
C ASP A 587 -10.79 -20.00 -1.75
N TRP A 588 -10.98 -20.25 -0.47
CA TRP A 588 -10.47 -19.38 0.58
C TRP A 588 -9.61 -20.18 1.55
N PRO A 589 -8.63 -19.54 2.18
CA PRO A 589 -7.79 -20.26 3.14
C PRO A 589 -8.60 -20.82 4.30
N LYS A 590 -8.20 -22.00 4.78
CA LYS A 590 -8.84 -22.65 5.91
C LYS A 590 -8.13 -22.37 7.22
N LYS A 591 -7.01 -21.64 7.21
CA LYS A 591 -6.23 -21.46 8.42
C LYS A 591 -6.92 -20.53 9.41
N ARG A 592 -7.24 -19.32 8.97
CA ARG A 592 -7.80 -18.29 9.84
C ARG A 592 -9.23 -17.96 9.42
N ILE A 593 -9.86 -17.09 10.22
CA ILE A 593 -11.24 -16.72 9.95
C ILE A 593 -11.35 -16.07 8.58
N ALA A 594 -12.41 -16.44 7.86
CA ALA A 594 -12.70 -15.87 6.55
C ALA A 594 -14.15 -15.44 6.51
N ILE A 595 -14.40 -14.20 6.09
CA ILE A 595 -15.74 -13.64 6.00
C ILE A 595 -15.80 -12.73 4.78
N GLU A 596 -16.98 -12.66 4.17
CA GLU A 596 -17.22 -11.85 2.99
C GLU A 596 -18.36 -10.88 3.28
N ASP A 597 -18.14 -9.60 2.97
CA ASP A 597 -19.18 -8.61 3.16
C ASP A 597 -20.35 -8.90 2.24
N PRO A 598 -21.59 -8.71 2.68
CA PRO A 598 -22.74 -9.02 1.81
C PRO A 598 -22.72 -8.25 0.50
N TYR A 599 -22.26 -7.01 0.51
CA TYR A 599 -22.23 -6.18 -0.68
C TYR A 599 -20.90 -6.23 -1.41
N SER A 600 -19.96 -7.05 -0.95
CA SER A 600 -18.66 -7.23 -1.61
C SER A 600 -18.41 -8.74 -1.69
N VAL A 601 -18.68 -9.33 -2.86
CA VAL A 601 -18.57 -10.78 -3.02
C VAL A 601 -17.17 -11.22 -3.43
N LYS A 602 -16.21 -10.31 -3.49
CA LYS A 602 -14.84 -10.65 -3.86
C LYS A 602 -13.84 -10.10 -2.85
N ARG A 603 -14.26 -9.93 -1.60
CA ARG A 603 -13.41 -9.38 -0.56
C ARG A 603 -13.48 -10.26 0.68
N ASN A 604 -12.32 -10.50 1.29
CA ASN A 604 -12.23 -11.23 2.55
C ASN A 604 -12.06 -10.19 3.64
N VAL A 605 -13.14 -9.90 4.37
CA VAL A 605 -13.11 -8.87 5.40
C VAL A 605 -12.31 -9.30 6.63
N ALA A 606 -11.92 -10.58 6.70
CA ALA A 606 -11.16 -11.10 7.83
C ALA A 606 -9.66 -11.08 7.58
N ARG A 607 -9.21 -10.40 6.52
CA ARG A 607 -7.78 -10.35 6.22
C ARG A 607 -6.97 -9.73 7.36
N THR A 608 -7.61 -8.94 8.23
CA THR A 608 -6.88 -8.33 9.34
C THR A 608 -6.27 -9.38 10.24
N LEU A 609 -6.88 -10.56 10.34
CA LEU A 609 -6.36 -11.65 11.15
C LEU A 609 -5.36 -12.45 10.33
N ASN A 610 -4.11 -12.50 10.79
CA ASN A 610 -3.06 -13.20 10.05
C ASN A 610 -2.14 -14.01 10.97
N SER A 611 -2.50 -14.21 12.23
CA SER A 611 -1.66 -14.90 13.20
C SER A 611 -2.47 -16.00 13.88
N GLN A 612 -1.98 -17.24 13.77
CA GLN A 612 -2.65 -18.35 14.43
C GLN A 612 -2.72 -18.16 15.95
N PRO A 613 -1.67 -17.70 16.63
CA PRO A 613 -1.82 -17.39 18.06
C PRO A 613 -2.96 -16.44 18.37
N VAL A 614 -3.20 -15.46 17.50
CA VAL A 614 -4.34 -14.57 17.68
C VAL A 614 -5.64 -15.36 17.55
N PHE A 615 -5.67 -16.32 16.63
CA PHE A 615 -6.85 -17.18 16.49
C PHE A 615 -7.09 -17.96 17.78
N GLU A 616 -6.04 -18.53 18.35
CA GLU A 616 -6.18 -19.27 19.60
C GLU A 616 -6.65 -18.36 20.73
N TYR A 617 -6.10 -17.14 20.79
CA TYR A 617 -6.52 -16.19 21.81
C TYR A 617 -8.01 -15.86 21.68
N ILE A 618 -8.46 -15.61 20.44
CA ILE A 618 -9.86 -15.29 20.22
C ILE A 618 -10.75 -16.47 20.59
N LEU A 619 -10.34 -17.68 20.22
CA LEU A 619 -11.15 -18.85 20.53
C LEU A 619 -11.24 -19.07 22.04
N HIS A 620 -10.12 -18.88 22.75
CA HIS A 620 -10.14 -19.01 24.21
C HIS A 620 -11.05 -17.95 24.83
N CYS A 621 -11.00 -16.73 24.31
CA CYS A 621 -11.87 -15.68 24.83
C CYS A 621 -13.34 -16.02 24.61
N LEU A 622 -13.66 -16.54 23.42
CA LEU A 622 -15.04 -16.95 23.16
C LEU A 622 -15.47 -18.07 24.11
N ARG A 623 -14.60 -19.05 24.32
CA ARG A 623 -14.94 -20.15 25.23
C ARG A 623 -15.18 -19.64 26.64
N THR A 624 -14.29 -18.77 27.13
CA THR A 624 -14.42 -18.32 28.51
C THR A 624 -15.62 -17.41 28.70
N THR A 625 -15.92 -16.55 27.71
CA THR A 625 -17.12 -15.72 27.83
C THR A 625 -18.39 -16.56 27.74
N TYR A 626 -18.38 -17.60 26.91
CA TYR A 626 -19.52 -18.51 26.87
C TYR A 626 -19.71 -19.20 28.21
N LYS A 627 -18.62 -19.67 28.82
CA LYS A 627 -18.71 -20.29 30.12
C LYS A 627 -19.24 -19.32 31.17
N TYR A 628 -18.76 -18.07 31.13
CA TYR A 628 -19.23 -17.06 32.09
C TYR A 628 -20.73 -16.79 31.91
N PHE A 629 -21.19 -16.70 30.66
CA PHE A 629 -22.58 -16.43 30.36
C PHE A 629 -23.45 -17.69 30.33
N ALA A 630 -22.86 -18.86 30.52
CA ALA A 630 -23.62 -20.10 30.52
C ALA A 630 -24.10 -20.44 31.94
N THR A 956 -12.20 -13.32 29.28
CA THR A 956 -12.17 -11.90 28.98
C THR A 956 -10.96 -11.22 29.62
N LYS A 957 -10.37 -11.89 30.62
CA LYS A 957 -9.22 -11.36 31.34
C LYS A 957 -8.24 -12.50 31.61
N GLY A 958 -7.16 -12.18 32.32
CA GLY A 958 -6.18 -13.18 32.67
C GLY A 958 -5.15 -13.48 31.61
N LYS A 959 -5.17 -12.77 30.48
CA LYS A 959 -4.22 -13.01 29.41
C LYS A 959 -4.05 -11.74 28.61
N SER A 960 -2.92 -11.66 27.89
CA SER A 960 -2.63 -10.51 27.04
C SER A 960 -2.69 -10.92 25.57
N PRO A 961 -3.18 -10.05 24.68
CA PRO A 961 -3.30 -10.43 23.27
C PRO A 961 -1.94 -10.62 22.62
N THR A 962 -1.90 -11.52 21.64
CA THR A 962 -0.70 -11.75 20.82
C THR A 962 -0.70 -10.71 19.71
N VAL A 963 -0.27 -9.49 20.08
CA VAL A 963 -0.36 -8.36 19.16
C VAL A 963 0.51 -8.62 17.93
N VAL A 964 -0.06 -8.38 16.75
CA VAL A 964 0.66 -8.49 15.49
C VAL A 964 1.12 -7.10 15.09
N CYS A 965 2.29 -7.03 14.45
CA CYS A 965 2.93 -5.76 14.15
C CYS A 965 3.53 -5.82 12.75
N SER A 966 4.15 -4.72 12.35
CA SER A 966 4.65 -4.60 10.98
C SER A 966 5.83 -5.53 10.72
N LEU A 967 6.68 -5.73 11.71
CA LEU A 967 7.91 -6.49 11.50
C LEU A 967 7.61 -7.98 11.31
N CYS A 968 7.45 -8.40 10.05
CA CYS A 968 7.26 -9.81 9.71
C CYS A 968 6.10 -10.42 10.47
N LYS A 969 5.07 -9.61 10.75
CA LYS A 969 3.90 -10.08 11.50
C LYS A 969 4.32 -10.73 12.82
N ARG A 970 5.28 -10.12 13.49
CA ARG A 970 5.84 -10.65 14.72
C ARG A 970 5.48 -9.74 15.88
N GLU A 971 5.46 -10.32 17.09
CA GLU A 971 5.10 -9.57 18.28
C GLU A 971 6.02 -8.36 18.45
N GLY A 972 7.30 -8.61 18.68
CA GLY A 972 8.27 -7.55 18.86
C GLY A 972 7.78 -6.40 19.71
N HIS A 973 7.82 -5.19 19.17
CA HIS A 973 7.25 -4.00 19.79
C HIS A 973 6.01 -3.57 19.02
N LEU A 974 5.12 -2.86 19.72
CA LEU A 974 3.84 -2.49 19.15
C LEU A 974 4.00 -1.91 17.75
N LYS A 975 2.93 -2.07 16.95
CA LYS A 975 3.00 -1.67 15.55
C LYS A 975 3.38 -0.20 15.40
N LYS A 976 3.04 0.62 16.40
CA LYS A 976 3.37 2.04 16.35
C LYS A 976 4.87 2.27 16.14
N ASP A 977 5.69 1.62 16.95
CA ASP A 977 7.15 1.69 16.82
C ASP A 977 7.71 0.29 16.62
N CYS A 978 8.49 0.12 15.56
CA CYS A 978 9.08 -1.16 15.20
C CYS A 978 10.56 -0.97 14.92
N PRO A 979 11.38 -1.99 15.17
CA PRO A 979 12.82 -1.84 14.86
C PRO A 979 13.08 -1.61 13.39
N GLU A 980 12.27 -2.17 12.50
CA GLU A 980 12.47 -1.97 11.07
C GLU A 980 12.33 -0.51 10.69
N ASP A 981 11.34 0.17 11.29
CA ASP A 981 11.15 1.59 11.03
C ASP A 981 12.36 2.39 11.51
N PHE A 982 12.71 3.43 10.76
CA PHE A 982 13.84 4.29 11.06
C PHE A 982 13.37 5.68 11.44
N LYS A 983 14.07 6.29 12.39
CA LYS A 983 13.75 7.64 12.87
C LYS A 983 12.25 7.86 13.02
N LEU A 990 29.16 15.14 16.05
CA LEU A 990 30.34 14.96 15.21
C LEU A 990 31.17 16.25 15.15
N PRO A 991 32.45 16.13 14.80
CA PRO A 991 33.28 17.34 14.70
C PRO A 991 32.86 18.18 13.51
N PRO A 992 33.08 19.49 13.56
CA PRO A 992 32.71 20.34 12.43
C PRO A 992 33.51 19.99 11.18
N LEU A 993 32.87 20.16 10.02
CA LEU A 993 33.55 19.89 8.76
C LEU A 993 34.73 20.84 8.59
N THR A 994 35.79 20.32 7.99
CA THR A 994 37.03 21.09 7.79
C THR A 994 37.41 21.08 6.32
N PRO A 995 38.12 22.11 5.85
CA PRO A 995 38.48 22.14 4.42
C PRO A 995 39.32 20.95 3.97
N LYS A 996 40.21 20.47 4.82
CA LYS A 996 41.05 19.33 4.44
C LYS A 996 40.21 18.08 4.21
N PHE A 997 39.25 17.82 5.10
CA PHE A 997 38.40 16.64 4.93
C PHE A 997 37.52 16.77 3.70
N LEU A 998 37.00 17.97 3.43
CA LEU A 998 36.21 18.17 2.23
C LEU A 998 37.04 17.94 0.98
N ASN A 999 38.28 18.44 0.96
CA ASN A 999 39.16 18.21 -0.16
C ASN A 999 39.45 16.72 -0.33
N ILE A 1000 39.65 16.01 0.78
CA ILE A 1000 39.88 14.56 0.71
C ILE A 1000 38.66 13.87 0.11
N LEU A 1001 37.45 14.30 0.50
CA LEU A 1001 36.23 13.70 -0.04
C LEU A 1001 36.11 13.94 -1.54
N ASP A 1002 36.40 15.17 -1.99
CA ASP A 1002 36.34 15.45 -3.42
C ASP A 1002 37.39 14.62 -4.17
N GLN A 1003 38.59 14.50 -3.60
CA GLN A 1003 39.62 13.68 -4.23
C GLN A 1003 39.16 12.24 -4.34
N VAL A 1004 38.53 11.71 -3.29
CA VAL A 1004 38.04 10.33 -3.33
C VAL A 1004 36.99 10.17 -4.42
N CYS A 1005 36.06 11.12 -4.50
CA CYS A 1005 35.00 11.02 -5.51
C CYS A 1005 35.57 11.04 -6.92
N ILE A 1006 36.48 12.00 -7.19
CA ILE A 1006 37.03 12.10 -8.53
C ILE A 1006 37.90 10.89 -8.86
N GLN A 1007 38.64 10.38 -7.87
CA GLN A 1007 39.45 9.19 -8.10
C GLN A 1007 38.59 7.98 -8.41
N CYS A 1008 37.47 7.83 -7.69
CA CYS A 1008 36.56 6.73 -7.98
C CYS A 1008 35.99 6.86 -9.39
N TYR A 1009 35.58 8.08 -9.77
CA TYR A 1009 35.07 8.29 -11.12
C TYR A 1009 36.12 7.90 -12.16
N LYS A 1010 37.34 8.39 -12.01
CA LYS A 1010 38.38 8.14 -13.00
C LYS A 1010 38.72 6.65 -13.07
N ASP A 1011 38.84 5.99 -11.91
CA ASP A 1011 39.18 4.57 -11.90
C ASP A 1011 38.07 3.73 -12.54
N PHE A 1012 36.81 4.05 -12.24
CA PHE A 1012 35.67 3.30 -12.76
C PHE A 1012 35.11 3.89 -14.04
N SER A 1013 35.68 4.98 -14.54
CA SER A 1013 35.24 5.51 -15.82
C SER A 1013 35.55 4.52 -16.92
N PRO A 1014 34.58 4.15 -17.77
CA PRO A 1014 34.88 3.18 -18.84
C PRO A 1014 35.98 3.70 -19.75
N THR A 1015 37.03 2.89 -19.90
CA THR A 1015 38.10 3.24 -20.80
C THR A 1015 37.63 3.13 -22.26
N ILE A 1016 38.36 3.81 -23.14
CA ILE A 1016 38.01 3.77 -24.56
C ILE A 1016 37.98 2.32 -25.05
N ILE A 1017 38.99 1.54 -24.65
CA ILE A 1017 39.03 0.13 -25.07
C ILE A 1017 37.83 -0.62 -24.50
N GLU A 1018 37.41 -0.30 -23.28
CA GLU A 1018 36.26 -0.98 -22.70
C GLU A 1018 34.98 -0.68 -23.49
N ASP A 1019 34.78 0.58 -23.86
CA ASP A 1019 33.61 0.93 -24.67
C ASP A 1019 33.67 0.26 -26.04
N GLN A 1020 34.85 0.22 -26.65
CA GLN A 1020 34.99 -0.48 -27.92
C GLN A 1020 34.64 -1.95 -27.78
N ALA A 1021 35.10 -2.58 -26.70
CA ALA A 1021 34.78 -3.99 -26.48
C ALA A 1021 33.28 -4.19 -26.29
N ARG A 1022 32.63 -3.31 -25.52
CA ARG A 1022 31.19 -3.44 -25.30
C ARG A 1022 30.43 -3.32 -26.61
N GLU A 1023 30.72 -2.28 -27.40
CA GLU A 1023 30.01 -2.13 -28.67
C GLU A 1023 30.36 -3.27 -29.62
N HIS A 1024 31.58 -3.81 -29.53
CA HIS A 1024 31.95 -4.92 -30.38
C HIS A 1024 31.16 -6.18 -30.05
N ILE A 1025 30.99 -6.48 -28.75
CA ILE A 1025 30.21 -7.66 -28.39
C ILE A 1025 28.74 -7.46 -28.76
N ARG A 1026 28.23 -6.24 -28.61
CA ARG A 1026 26.86 -6.00 -29.04
C ARG A 1026 26.73 -6.20 -30.56
N GLN A 1027 27.70 -5.72 -31.33
CA GLN A 1027 27.65 -5.89 -32.78
C GLN A 1027 27.73 -7.36 -33.15
N ASN A 1028 28.58 -8.13 -32.47
CA ASN A 1028 28.66 -9.56 -32.74
C ASN A 1028 27.35 -10.25 -32.43
N LEU A 1029 26.71 -9.90 -31.30
CA LEU A 1029 25.43 -10.50 -30.98
C LEU A 1029 24.38 -10.16 -32.04
N GLU A 1030 24.35 -8.89 -32.48
CA GLU A 1030 23.40 -8.49 -33.51
C GLU A 1030 23.65 -9.24 -34.81
N SER A 1031 24.91 -9.38 -35.21
CA SER A 1031 25.22 -10.08 -36.45
C SER A 1031 24.81 -11.54 -36.36
N PHE A 1032 25.08 -12.19 -35.23
CA PHE A 1032 24.64 -13.58 -35.07
C PHE A 1032 23.13 -13.69 -35.13
N ILE A 1033 22.43 -12.77 -34.46
CA ILE A 1033 20.97 -12.83 -34.43
C ILE A 1033 20.38 -12.59 -35.81
N ARG A 1034 21.03 -11.76 -36.62
CA ARG A 1034 20.49 -11.43 -37.93
C ARG A 1034 20.30 -12.66 -38.81
N GLN A 1035 21.01 -13.75 -38.51
CA GLN A 1035 20.86 -14.97 -39.32
C GLN A 1035 19.44 -15.49 -39.26
N ASP A 1036 18.83 -15.50 -38.07
CA ASP A 1036 17.48 -16.03 -37.90
C ASP A 1036 16.40 -14.96 -38.01
N PHE A 1037 16.72 -13.72 -37.66
CA PHE A 1037 15.76 -12.60 -37.70
C PHE A 1037 16.34 -11.49 -38.57
N PRO A 1038 16.17 -11.57 -39.88
CA PRO A 1038 16.68 -10.49 -40.75
C PRO A 1038 16.02 -9.15 -40.41
N GLY A 1039 16.80 -8.08 -40.58
CA GLY A 1039 16.29 -6.75 -40.28
C GLY A 1039 15.98 -6.55 -38.81
N THR A 1040 16.85 -7.05 -37.93
CA THR A 1040 16.67 -6.92 -36.49
C THR A 1040 17.63 -5.85 -35.96
N LYS A 1041 17.11 -4.92 -35.18
CA LYS A 1041 17.90 -3.84 -34.62
C LYS A 1041 18.18 -4.12 -33.15
N LEU A 1042 19.47 -4.09 -32.79
CA LEU A 1042 19.92 -4.32 -31.41
C LEU A 1042 20.59 -3.04 -30.93
N SER A 1043 19.99 -2.40 -29.93
CA SER A 1043 20.44 -1.09 -29.46
C SER A 1043 21.00 -1.18 -28.06
N LEU A 1044 22.06 -0.42 -27.80
CA LEU A 1044 22.66 -0.35 -26.48
C LEU A 1044 22.00 0.75 -25.67
N PHE A 1045 21.66 0.43 -24.42
CA PHE A 1045 21.05 1.41 -23.53
C PHE A 1045 21.56 1.16 -22.11
N GLY A 1046 21.51 2.21 -21.31
CA GLY A 1046 21.93 2.11 -19.92
C GLY A 1046 23.29 2.72 -19.67
N SER A 1047 24.09 2.07 -18.82
CA SER A 1047 25.38 2.63 -18.44
C SER A 1047 26.34 2.70 -19.62
N SER A 1048 26.37 1.66 -20.45
CA SER A 1048 27.37 1.58 -21.52
C SER A 1048 27.21 2.71 -22.51
N LYS A 1049 25.98 2.99 -22.94
CA LYS A 1049 25.69 4.01 -23.94
C LYS A 1049 24.53 4.87 -23.48
N ASN A 1050 24.59 6.15 -23.81
CA ASN A 1050 23.53 7.10 -23.47
C ASN A 1050 23.23 7.09 -21.97
N GLY A 1051 24.29 7.01 -21.18
CA GLY A 1051 24.12 6.97 -19.74
C GLY A 1051 25.45 7.10 -19.03
N PHE A 1052 25.39 6.93 -17.71
CA PHE A 1052 26.59 7.03 -16.89
C PHE A 1052 27.45 5.78 -17.05
N GLY A 1053 28.73 5.97 -17.33
CA GLY A 1053 29.63 4.85 -17.45
C GLY A 1053 29.91 4.19 -16.10
N PHE A 1054 30.38 2.95 -16.17
CA PHE A 1054 30.72 2.21 -14.97
C PHE A 1054 31.51 0.97 -15.37
N LYS A 1055 32.18 0.38 -14.38
CA LYS A 1055 32.95 -0.84 -14.57
C LYS A 1055 32.37 -1.95 -13.70
N GLN A 1056 32.50 -3.19 -14.17
CA GLN A 1056 31.90 -4.35 -13.50
C GLN A 1056 30.38 -4.23 -13.43
N SER A 1057 29.78 -3.62 -14.44
CA SER A 1057 28.34 -3.40 -14.49
C SER A 1057 27.74 -4.25 -15.61
N ASP A 1058 26.60 -4.87 -15.32
CA ASP A 1058 25.94 -5.72 -16.30
C ASP A 1058 25.51 -4.88 -17.51
N LEU A 1059 25.59 -5.50 -18.69
CA LEU A 1059 25.24 -4.83 -19.93
C LEU A 1059 23.79 -5.14 -20.27
N ASP A 1060 23.05 -4.10 -20.66
CA ASP A 1060 21.65 -4.21 -21.02
C ASP A 1060 21.45 -3.68 -22.43
N VAL A 1061 20.66 -4.41 -23.24
CA VAL A 1061 20.40 -4.05 -24.63
C VAL A 1061 18.91 -4.22 -24.91
N CYS A 1062 18.46 -3.58 -25.99
CA CYS A 1062 17.07 -3.62 -26.40
C CYS A 1062 16.97 -4.17 -27.82
N MET A 1063 15.89 -4.91 -28.08
CA MET A 1063 15.65 -5.55 -29.36
C MET A 1063 14.44 -4.93 -30.04
N THR A 1064 14.55 -4.74 -31.36
CA THR A 1064 13.43 -4.25 -32.14
C THR A 1064 13.44 -4.94 -33.50
N ILE A 1065 12.25 -5.08 -34.08
CA ILE A 1065 12.08 -5.74 -35.37
C ILE A 1065 11.21 -4.88 -36.28
N VAL A 1077 5.01 -13.92 -25.86
CA VAL A 1077 5.83 -14.81 -25.06
C VAL A 1077 6.54 -15.83 -25.95
N ARG A 1078 6.02 -16.01 -27.17
CA ARG A 1078 6.65 -16.93 -28.11
C ARG A 1078 7.91 -16.31 -28.71
N THR A 1079 7.89 -15.00 -28.97
CA THR A 1079 9.07 -14.35 -29.55
C THR A 1079 10.26 -14.44 -28.62
N ILE A 1080 10.05 -14.21 -27.33
CA ILE A 1080 11.15 -14.31 -26.36
C ILE A 1080 11.66 -15.74 -26.29
N GLU A 1081 10.77 -16.72 -26.37
CA GLU A 1081 11.20 -18.12 -26.36
C GLU A 1081 12.05 -18.43 -27.59
N GLU A 1082 11.65 -17.92 -28.76
CA GLU A 1082 12.45 -18.13 -29.97
C GLU A 1082 13.81 -17.46 -29.85
N LEU A 1083 13.84 -16.25 -29.29
CA LEU A 1083 15.12 -15.57 -29.08
C LEU A 1083 16.02 -16.38 -28.15
N ALA A 1084 15.46 -16.89 -27.06
CA ALA A 1084 16.24 -17.71 -26.15
C ALA A 1084 16.76 -18.96 -26.85
N ARG A 1085 15.92 -19.61 -27.65
CA ARG A 1085 16.34 -20.81 -28.35
C ARG A 1085 17.49 -20.52 -29.30
N VAL A 1086 17.37 -19.48 -30.11
CA VAL A 1086 18.44 -19.15 -31.06
C VAL A 1086 19.71 -18.78 -30.30
N LEU A 1087 19.57 -18.12 -29.15
CA LEU A 1087 20.75 -17.88 -28.32
C LEU A 1087 21.38 -19.19 -27.86
N ARG A 1088 20.55 -20.16 -27.47
CA ARG A 1088 21.08 -21.47 -27.10
C ARG A 1088 21.85 -22.09 -28.25
N LYS A 1089 21.36 -21.90 -29.48
CA LYS A 1089 22.08 -22.44 -30.64
C LYS A 1089 23.51 -21.93 -30.71
N HIS A 1090 23.77 -20.73 -30.19
CA HIS A 1090 25.11 -20.17 -30.24
C HIS A 1090 26.06 -20.97 -29.35
N SER A 1091 27.34 -20.95 -29.72
CA SER A 1091 28.37 -21.65 -28.96
C SER A 1091 29.16 -20.73 -28.03
N GLY A 1092 29.34 -19.46 -28.40
CA GLY A 1092 30.05 -18.53 -27.56
C GLY A 1092 29.46 -18.42 -26.17
N LEU A 1093 28.25 -17.90 -26.08
CA LEU A 1093 27.54 -17.83 -24.81
C LEU A 1093 27.01 -19.22 -24.45
N ARG A 1094 27.25 -19.64 -23.21
CA ARG A 1094 26.92 -20.98 -22.76
C ARG A 1094 25.72 -21.05 -21.82
N ASN A 1095 25.54 -20.05 -20.96
CA ASN A 1095 24.47 -20.06 -19.96
C ASN A 1095 23.43 -19.00 -20.32
N ILE A 1096 22.18 -19.43 -20.45
CA ILE A 1096 21.07 -18.54 -20.78
C ILE A 1096 19.97 -18.77 -19.75
N LEU A 1097 19.43 -17.67 -19.21
CA LEU A 1097 18.37 -17.75 -18.21
C LEU A 1097 17.24 -16.81 -18.66
N PRO A 1098 16.36 -17.27 -19.55
CA PRO A 1098 15.25 -16.42 -19.99
C PRO A 1098 14.21 -16.23 -18.90
N ILE A 1099 13.55 -15.07 -18.94
CA ILE A 1099 12.48 -14.75 -18.00
C ILE A 1099 11.37 -14.09 -18.80
N THR A 1100 10.23 -14.76 -18.91
CA THR A 1100 9.04 -14.20 -19.55
C THR A 1100 7.97 -13.77 -18.56
N THR A 1101 8.08 -14.19 -17.30
CA THR A 1101 7.12 -13.82 -16.27
C THR A 1101 7.52 -12.57 -15.50
N ALA A 1102 8.67 -11.99 -15.81
CA ALA A 1102 9.10 -10.78 -15.13
C ALA A 1102 8.27 -9.58 -15.58
N LYS A 1103 8.58 -8.42 -15.00
CA LYS A 1103 7.89 -7.19 -15.38
C LYS A 1103 8.09 -6.91 -16.87
N VAL A 1104 9.27 -7.19 -17.39
CA VAL A 1104 9.56 -7.03 -18.81
C VAL A 1104 10.22 -8.31 -19.31
N PRO A 1105 9.78 -8.88 -20.43
CA PRO A 1105 10.45 -10.08 -20.94
C PRO A 1105 11.93 -9.81 -21.19
N ILE A 1106 12.76 -10.79 -20.84
CA ILE A 1106 14.20 -10.59 -20.89
C ILE A 1106 14.89 -11.93 -21.14
N VAL A 1107 16.04 -11.88 -21.79
CA VAL A 1107 16.91 -13.04 -21.94
C VAL A 1107 18.32 -12.61 -21.55
N LYS A 1108 18.86 -13.23 -20.51
CA LYS A 1108 20.15 -12.83 -19.95
C LYS A 1108 21.12 -14.00 -19.98
N PHE A 1109 22.34 -13.74 -20.43
CA PHE A 1109 23.35 -14.77 -20.58
C PHE A 1109 24.73 -14.17 -20.35
N PHE A 1110 25.68 -15.05 -20.03
CA PHE A 1110 27.06 -14.65 -19.73
C PHE A 1110 27.93 -14.95 -20.95
N HIS A 1111 28.65 -13.93 -21.41
CA HIS A 1111 29.52 -14.02 -22.57
C HIS A 1111 30.95 -14.30 -22.09
N LEU A 1112 31.51 -15.42 -22.54
CA LEU A 1112 32.82 -15.86 -22.07
C LEU A 1112 33.95 -14.98 -22.61
N ARG A 1113 33.90 -14.67 -23.91
CA ARG A 1113 35.00 -13.95 -24.54
C ARG A 1113 35.23 -12.60 -23.87
N SER A 1114 34.14 -11.87 -23.61
CA SER A 1114 34.21 -10.62 -22.86
C SER A 1114 33.95 -10.81 -21.38
N GLY A 1115 33.49 -11.99 -20.97
CA GLY A 1115 33.21 -12.24 -19.57
C GLY A 1115 32.20 -11.28 -18.99
N LEU A 1116 31.10 -11.04 -19.71
CA LEU A 1116 30.15 -10.00 -19.34
C LEU A 1116 28.74 -10.56 -19.30
N GLU A 1117 27.95 -10.07 -18.34
CA GLU A 1117 26.56 -10.47 -18.20
C GLU A 1117 25.70 -9.56 -19.08
N VAL A 1118 25.24 -10.09 -20.21
CA VAL A 1118 24.47 -9.32 -21.19
C VAL A 1118 23.01 -9.76 -21.12
N ASP A 1119 22.12 -8.81 -20.95
CA ASP A 1119 20.68 -9.06 -20.95
C ASP A 1119 20.04 -8.29 -22.10
N ILE A 1120 19.01 -8.91 -22.68
CA ILE A 1120 18.30 -8.38 -23.84
C ILE A 1120 16.84 -8.24 -23.47
N SER A 1121 16.28 -7.05 -23.66
CA SER A 1121 14.86 -6.78 -23.49
C SER A 1121 14.18 -6.74 -24.84
N LEU A 1122 12.88 -7.04 -24.85
CA LEU A 1122 12.10 -7.19 -26.06
C LEU A 1122 11.29 -5.91 -26.30
N TYR A 1123 11.65 -5.17 -27.35
CA TYR A 1123 10.89 -4.01 -27.79
C TYR A 1123 10.60 -3.05 -26.64
N ASN A 1124 11.65 -2.75 -25.87
CA ASN A 1124 11.56 -1.83 -24.73
C ASN A 1124 12.24 -0.53 -25.13
N THR A 1125 11.44 0.48 -25.43
CA THR A 1125 11.96 1.79 -25.83
C THR A 1125 11.86 2.84 -24.74
N LEU A 1126 11.03 2.60 -23.72
CA LEU A 1126 10.90 3.56 -22.63
C LEU A 1126 12.21 3.74 -21.89
N ALA A 1127 12.93 2.63 -21.64
CA ALA A 1127 14.19 2.71 -20.93
C ALA A 1127 15.20 3.56 -21.68
N LEU A 1128 15.16 3.56 -23.01
CA LEU A 1128 16.09 4.37 -23.79
C LEU A 1128 15.93 5.85 -23.46
N HIS A 1129 14.68 6.33 -23.49
CA HIS A 1129 14.44 7.72 -23.14
C HIS A 1129 14.74 7.98 -21.67
N ASN A 1130 14.42 7.02 -20.80
CA ASN A 1130 14.70 7.19 -19.38
C ASN A 1130 16.17 7.43 -19.12
N THR A 1131 17.04 6.62 -19.76
CA THR A 1131 18.47 6.79 -19.58
C THR A 1131 19.01 7.99 -20.35
N ARG A 1132 18.37 8.35 -21.47
CA ARG A 1132 18.80 9.55 -22.20
C ARG A 1132 18.58 10.80 -21.37
N LEU A 1133 17.47 10.86 -20.62
CA LEU A 1133 17.23 12.01 -19.76
C LEU A 1133 18.36 12.17 -18.74
N LEU A 1134 18.75 11.07 -18.10
CA LEU A 1134 19.81 11.14 -17.10
C LEU A 1134 21.17 11.43 -17.74
N SER A 1135 21.40 10.91 -18.95
CA SER A 1135 22.64 11.23 -19.65
C SER A 1135 22.73 12.73 -19.95
N ALA A 1136 21.61 13.32 -20.40
CA ALA A 1136 21.59 14.76 -20.61
C ALA A 1136 21.83 15.52 -19.31
N TYR A 1137 21.17 15.07 -18.23
CA TYR A 1137 21.39 15.69 -16.93
C TYR A 1137 22.87 15.69 -16.56
N SER A 1138 23.54 14.54 -16.75
CA SER A 1138 24.96 14.45 -16.46
C SER A 1138 25.76 15.39 -17.36
N ALA A 1139 25.44 15.43 -18.65
CA ALA A 1139 26.17 16.27 -19.58
C ALA A 1139 26.02 17.75 -19.23
N ILE A 1140 24.92 18.12 -18.57
CA ILE A 1140 24.72 19.53 -18.24
C ILE A 1140 25.83 20.02 -17.31
N ASP A 1141 26.13 19.25 -16.27
CA ASP A 1141 27.15 19.62 -15.28
C ASP A 1141 28.03 18.42 -14.96
N PRO A 1142 29.35 18.60 -14.91
CA PRO A 1142 30.22 17.48 -14.49
C PRO A 1142 29.93 17.00 -13.07
N ARG A 1143 29.51 17.89 -12.18
CA ARG A 1143 29.26 17.50 -10.80
C ARG A 1143 28.19 16.40 -10.72
N VAL A 1144 27.18 16.48 -11.58
CA VAL A 1144 26.15 15.45 -11.61
C VAL A 1144 26.76 14.10 -11.94
N LYS A 1145 27.63 14.07 -12.96
CA LYS A 1145 28.30 12.82 -13.33
C LYS A 1145 29.16 12.30 -12.20
N TYR A 1146 29.92 13.17 -11.55
CA TYR A 1146 30.76 12.73 -10.44
C TYR A 1146 29.92 12.13 -9.32
N LEU A 1147 28.84 12.80 -8.96
CA LEU A 1147 28.00 12.33 -7.86
C LEU A 1147 27.31 11.02 -8.21
N CYS A 1148 26.85 10.89 -9.45
CA CYS A 1148 26.22 9.63 -9.87
C CYS A 1148 27.23 8.50 -9.87
N TYR A 1149 28.46 8.76 -10.30
CA TYR A 1149 29.49 7.74 -10.23
C TYR A 1149 29.75 7.31 -8.79
N THR A 1150 29.81 8.28 -7.88
CA THR A 1150 30.02 7.96 -6.47
C THR A 1150 28.88 7.12 -5.93
N MET A 1151 27.64 7.50 -6.26
CA MET A 1151 26.48 6.75 -5.78
C MET A 1151 26.48 5.33 -6.33
N LYS A 1152 26.81 5.17 -7.61
CA LYS A 1152 26.88 3.84 -8.20
C LYS A 1152 27.95 2.99 -7.52
N VAL A 1153 29.11 3.60 -7.24
CA VAL A 1153 30.19 2.87 -6.56
C VAL A 1153 29.70 2.42 -5.18
N PHE A 1154 29.06 3.33 -4.45
CA PHE A 1154 28.56 2.99 -3.11
C PHE A 1154 27.56 1.84 -3.18
N THR A 1155 26.60 1.93 -4.11
CA THR A 1155 25.57 0.89 -4.20
C THR A 1155 26.18 -0.45 -4.58
N LYS A 1156 27.10 -0.46 -5.55
CA LYS A 1156 27.70 -1.72 -5.97
C LYS A 1156 28.55 -2.32 -4.87
N MET A 1157 29.32 -1.49 -4.15
CA MET A 1157 30.14 -2.01 -3.06
C MET A 1157 29.28 -2.56 -1.94
N CYS A 1158 28.14 -1.92 -1.66
CA CYS A 1158 27.27 -2.34 -0.58
C CYS A 1158 26.34 -3.47 -0.97
N ASP A 1159 26.35 -3.91 -2.24
CA ASP A 1159 25.57 -5.05 -2.69
C ASP A 1159 24.07 -4.81 -2.49
N ILE A 1160 23.61 -3.64 -2.92
CA ILE A 1160 22.20 -3.29 -2.84
C ILE A 1160 21.72 -2.79 -4.21
N GLY A 1161 22.43 -3.17 -5.27
CA GLY A 1161 22.11 -2.72 -6.60
C GLY A 1161 21.78 -3.86 -7.56
N ASP A 1162 21.38 -5.00 -7.01
CA ASP A 1162 21.05 -6.18 -7.81
C ASP A 1162 19.53 -6.23 -7.97
N ALA A 1163 19.06 -5.98 -9.19
CA ALA A 1163 17.62 -5.94 -9.44
C ALA A 1163 16.98 -7.31 -9.23
N SER A 1164 17.66 -8.38 -9.68
CA SER A 1164 17.06 -9.71 -9.62
C SER A 1164 16.81 -10.16 -8.19
N ARG A 1165 17.72 -9.82 -7.26
CA ARG A 1165 17.50 -10.12 -5.84
C ARG A 1165 16.31 -9.37 -5.26
N GLY A 1166 15.77 -8.36 -5.96
CA GLY A 1166 14.68 -7.57 -5.45
C GLY A 1166 15.08 -6.19 -4.98
N SER A 1167 16.37 -5.93 -4.83
CA SER A 1167 16.84 -4.61 -4.44
C SER A 1167 16.68 -3.62 -5.59
N LEU A 1168 16.63 -2.33 -5.25
CA LEU A 1168 16.47 -1.30 -6.25
C LEU A 1168 17.63 -1.33 -7.24
N SER A 1169 17.32 -1.17 -8.51
CA SER A 1169 18.34 -1.11 -9.55
C SER A 1169 19.08 0.22 -9.47
N SER A 1170 20.21 0.30 -10.19
CA SER A 1170 20.95 1.55 -10.26
C SER A 1170 20.12 2.68 -10.83
N TYR A 1171 19.07 2.35 -11.59
CA TYR A 1171 18.18 3.39 -12.10
C TYR A 1171 17.49 4.13 -10.96
N ALA A 1172 17.06 3.41 -9.93
CA ALA A 1172 16.41 4.06 -8.80
C ALA A 1172 17.39 4.97 -8.06
N TYR A 1173 18.63 4.51 -7.89
CA TYR A 1173 19.62 5.35 -7.21
C TYR A 1173 19.96 6.59 -8.03
N THR A 1174 20.03 6.44 -9.35
CA THR A 1174 20.23 7.60 -10.21
C THR A 1174 19.06 8.57 -10.08
N LEU A 1175 17.84 8.05 -10.02
CA LEU A 1175 16.68 8.90 -9.81
C LEU A 1175 16.78 9.63 -8.48
N MET A 1176 17.21 8.94 -7.43
CA MET A 1176 17.33 9.57 -6.12
C MET A 1176 18.38 10.67 -6.12
N VAL A 1177 19.53 10.42 -6.74
CA VAL A 1177 20.58 11.44 -6.77
C VAL A 1177 20.13 12.64 -7.61
N LEU A 1178 19.40 12.38 -8.69
CA LEU A 1178 18.86 13.49 -9.48
C LEU A 1178 17.83 14.28 -8.69
N TYR A 1179 17.00 13.59 -7.90
CA TYR A 1179 16.04 14.28 -7.05
C TYR A 1179 16.75 15.16 -6.04
N PHE A 1180 17.82 14.66 -5.43
CA PHE A 1180 18.59 15.49 -4.51
C PHE A 1180 19.21 16.68 -5.24
N LEU A 1181 19.72 16.46 -6.44
CA LEU A 1181 20.27 17.55 -7.22
C LEU A 1181 19.24 18.64 -7.45
N GLN A 1182 18.00 18.24 -7.79
CA GLN A 1182 16.96 19.23 -8.06
C GLN A 1182 16.44 19.86 -6.78
N GLN A 1183 16.53 19.17 -5.65
CA GLN A 1183 16.00 19.67 -4.38
C GLN A 1183 17.00 20.47 -3.57
N ARG A 1184 18.23 20.64 -4.07
CA ARG A 1184 19.21 21.45 -3.36
C ARG A 1184 18.72 22.90 -3.26
N ASN A 1185 19.07 23.56 -2.16
CA ASN A 1185 18.62 24.93 -1.95
C ASN A 1185 18.97 25.84 -3.12
N PRO A 1186 20.17 25.80 -3.68
CA PRO A 1186 20.38 26.38 -5.00
C PRO A 1186 20.14 25.34 -6.07
N PRO A 1187 19.55 25.71 -7.20
CA PRO A 1187 19.20 24.70 -8.21
C PRO A 1187 20.42 24.34 -9.05
N VAL A 1188 20.96 23.14 -8.84
CA VAL A 1188 22.13 22.69 -9.57
C VAL A 1188 21.77 22.42 -11.02
N ILE A 1189 20.65 21.73 -11.25
CA ILE A 1189 20.19 21.43 -12.60
C ILE A 1189 18.69 21.70 -12.69
N PRO A 1190 18.23 22.50 -13.65
CA PRO A 1190 16.79 22.72 -13.79
C PRO A 1190 16.11 21.45 -14.29
N VAL A 1191 14.83 21.32 -13.93
CA VAL A 1191 14.05 20.15 -14.35
C VAL A 1191 13.87 20.23 -15.87
N LEU A 1192 14.54 19.33 -16.60
CA LEU A 1192 14.38 19.30 -18.04
C LEU A 1192 12.93 19.02 -18.42
N GLN A 1193 12.29 18.08 -17.73
CA GLN A 1193 10.86 17.86 -17.90
C GLN A 1193 10.09 19.00 -17.26
N GLU A 1194 9.12 19.56 -17.99
CA GLU A 1194 8.33 20.69 -17.51
C GLU A 1194 9.23 21.86 -17.11
N ILE A 1195 10.26 22.10 -17.92
CA ILE A 1195 11.19 23.20 -17.66
C ILE A 1195 10.49 24.53 -17.86
N GLY A 1208 2.97 4.71 -23.74
CA GLY A 1208 2.07 5.80 -24.03
C GLY A 1208 2.07 6.88 -22.97
N TRP A 1209 3.24 7.49 -22.75
CA TRP A 1209 3.40 8.54 -21.75
C TRP A 1209 4.24 9.65 -22.34
N ASN A 1210 4.30 10.77 -21.62
CA ASN A 1210 5.06 11.92 -22.09
C ASN A 1210 6.53 11.56 -22.27
N ILE A 1211 7.09 11.95 -23.42
CA ILE A 1211 8.49 11.68 -23.73
C ILE A 1211 9.16 12.97 -24.20
N TYR A 1212 8.60 14.11 -23.81
CA TYR A 1212 9.07 15.42 -24.26
C TYR A 1212 9.73 16.16 -23.12
N PHE A 1213 10.96 16.61 -23.32
CA PHE A 1213 11.68 17.39 -22.33
C PHE A 1213 12.81 18.14 -23.02
N PHE A 1214 13.33 19.15 -22.32
CA PHE A 1214 14.42 19.95 -22.87
C PHE A 1214 15.65 19.08 -23.11
N ASP A 1215 16.29 19.28 -24.27
CA ASP A 1215 17.44 18.48 -24.66
C ASP A 1215 18.59 19.32 -25.19
N GLN A 1216 18.57 20.63 -25.00
CA GLN A 1216 19.62 21.53 -25.48
C GLN A 1216 20.57 21.82 -24.33
N ILE A 1217 21.76 21.20 -24.38
CA ILE A 1217 22.74 21.39 -23.31
C ILE A 1217 23.33 22.80 -23.37
N ASP A 1218 23.65 23.28 -24.58
CA ASP A 1218 24.41 24.51 -24.71
C ASP A 1218 23.64 25.72 -24.19
N GLU A 1219 22.35 25.82 -24.53
CA GLU A 1219 21.57 27.02 -24.26
C GLU A 1219 20.71 26.89 -23.00
N LEU A 1220 21.08 26.02 -22.08
CA LEU A 1220 20.35 25.92 -20.82
C LEU A 1220 20.35 27.24 -20.05
N PRO A 1221 21.46 27.97 -19.93
CA PRO A 1221 21.43 29.20 -19.12
C PRO A 1221 20.38 30.20 -19.57
N THR A 1222 20.13 30.30 -20.88
CA THR A 1222 19.12 31.23 -21.36
C THR A 1222 17.74 30.89 -20.80
N TYR A 1223 17.40 29.61 -20.78
CA TYR A 1223 16.12 29.14 -20.24
C TYR A 1223 16.21 28.82 -18.75
N TRP A 1224 17.37 29.04 -18.13
CA TRP A 1224 17.61 28.71 -16.72
C TRP A 1224 18.14 29.96 -16.03
N SER A 1225 17.25 30.70 -15.36
CA SER A 1225 17.62 31.97 -14.76
C SER A 1225 18.69 31.79 -13.69
N GLU A 1226 18.53 30.79 -12.83
CA GLU A 1226 19.46 30.56 -11.73
C GLU A 1226 20.64 29.70 -12.17
N CYS A 1227 21.31 30.11 -13.24
CA CYS A 1227 22.45 29.37 -13.75
C CYS A 1227 23.68 29.59 -12.87
N GLY A 1228 24.36 28.49 -12.56
CA GLY A 1228 25.58 28.58 -11.76
C GLY A 1228 25.35 29.16 -10.38
N LYS A 1229 24.25 28.77 -9.73
CA LYS A 1229 23.95 29.27 -8.39
C LYS A 1229 24.64 28.47 -7.29
N ASN A 1230 24.81 27.16 -7.50
CA ASN A 1230 25.44 26.32 -6.49
C ASN A 1230 26.96 26.40 -6.62
N THR A 1231 27.64 26.58 -5.48
CA THR A 1231 29.10 26.69 -5.45
C THR A 1231 29.71 25.65 -4.53
N GLU A 1232 28.97 24.60 -4.18
CA GLU A 1232 29.47 23.57 -3.28
C GLU A 1232 30.34 22.57 -4.04
N SER A 1233 31.12 21.81 -3.28
CA SER A 1233 32.04 20.82 -3.84
C SER A 1233 31.32 19.49 -4.05
N VAL A 1234 31.97 18.60 -4.80
CA VAL A 1234 31.40 17.29 -5.08
C VAL A 1234 31.22 16.50 -3.79
N GLY A 1235 32.25 16.48 -2.95
CA GLY A 1235 32.12 15.83 -1.66
C GLY A 1235 31.07 16.48 -0.80
N GLN A 1236 30.97 17.81 -0.87
CA GLN A 1236 29.91 18.52 -0.14
C GLN A 1236 28.54 18.08 -0.65
N LEU A 1237 28.39 17.94 -1.97
CA LEU A 1237 27.11 17.48 -2.51
C LEU A 1237 26.79 16.07 -2.03
N TRP A 1238 27.78 15.17 -2.03
CA TRP A 1238 27.53 13.81 -1.58
C TRP A 1238 27.14 13.78 -0.11
N LEU A 1239 27.84 14.54 0.73
CA LEU A 1239 27.49 14.59 2.14
C LEU A 1239 26.10 15.17 2.35
N GLY A 1240 25.76 16.21 1.58
CA GLY A 1240 24.43 16.78 1.68
C GLY A 1240 23.35 15.82 1.27
N LEU A 1241 23.58 15.04 0.21
CA LEU A 1241 22.63 14.03 -0.21
C LEU A 1241 22.44 12.98 0.89
N LEU A 1242 23.55 12.52 1.46
CA LEU A 1242 23.47 11.51 2.51
C LEU A 1242 22.68 12.03 3.71
N ARG A 1243 22.96 13.28 4.11
CA ARG A 1243 22.23 13.87 5.23
C ARG A 1243 20.76 14.04 4.91
N PHE A 1244 20.45 14.50 3.70
CA PHE A 1244 19.06 14.73 3.31
C PHE A 1244 18.27 13.43 3.32
N TYR A 1245 18.85 12.36 2.78
CA TYR A 1245 18.13 11.09 2.73
C TYR A 1245 18.04 10.44 4.10
N THR A 1246 19.14 10.47 4.86
CA THR A 1246 19.11 9.89 6.21
C THR A 1246 18.16 10.66 7.12
N GLU A 1247 18.19 11.99 7.06
CA GLU A 1247 17.37 12.82 7.93
C GLU A 1247 16.86 14.01 7.13
N GLU A 1248 15.76 14.59 7.60
CA GLU A 1248 15.06 15.71 6.98
C GLU A 1248 14.22 15.27 5.80
N PHE A 1249 14.14 13.96 5.52
CA PHE A 1249 13.34 13.45 4.41
C PHE A 1249 12.58 12.22 4.89
N ASP A 1250 11.43 11.98 4.25
CA ASP A 1250 10.60 10.83 4.56
C ASP A 1250 10.02 10.27 3.28
N PHE A 1251 10.16 8.95 3.10
CA PHE A 1251 9.65 8.28 1.91
C PHE A 1251 8.19 7.87 2.05
N LYS A 1252 7.62 7.96 3.25
CA LYS A 1252 6.24 7.51 3.45
C LYS A 1252 5.24 8.47 2.84
N GLU A 1253 5.46 9.77 3.01
CA GLU A 1253 4.54 10.80 2.55
C GLU A 1253 5.02 11.51 1.29
N HIS A 1254 6.10 11.03 0.68
CA HIS A 1254 6.64 11.66 -0.53
C HIS A 1254 7.12 10.59 -1.49
N VAL A 1255 7.18 10.95 -2.76
CA VAL A 1255 7.60 10.05 -3.83
C VAL A 1255 8.83 10.66 -4.51
N ILE A 1256 9.80 9.81 -4.84
CA ILE A 1256 11.02 10.26 -5.48
C ILE A 1256 10.76 10.40 -6.98
N SER A 1257 10.32 11.60 -7.39
CA SER A 1257 10.01 11.87 -8.78
C SER A 1257 10.77 13.11 -9.23
N ILE A 1258 11.39 13.03 -10.40
CA ILE A 1258 12.12 14.14 -10.99
C ILE A 1258 11.35 14.74 -12.17
N ARG A 1259 10.07 14.39 -12.31
CA ARG A 1259 9.29 14.90 -13.44
C ARG A 1259 9.01 16.39 -13.30
N ARG A 1260 8.66 16.84 -12.09
CA ARG A 1260 8.32 18.23 -11.87
C ARG A 1260 9.01 18.73 -10.60
N LYS A 1261 9.26 20.04 -10.55
CA LYS A 1261 9.90 20.62 -9.39
C LYS A 1261 9.03 20.47 -8.14
N SER A 1262 7.73 20.69 -8.28
CA SER A 1262 6.84 20.61 -7.13
C SER A 1262 6.80 19.18 -6.58
N LEU A 1263 6.79 19.07 -5.26
CA LEU A 1263 6.76 17.75 -4.62
C LEU A 1263 5.42 17.08 -4.87
N LEU A 1264 5.45 15.78 -5.10
CA LEU A 1264 4.26 14.97 -5.33
C LEU A 1264 4.05 14.06 -4.14
N THR A 1265 2.88 14.18 -3.51
CA THR A 1265 2.56 13.35 -2.37
C THR A 1265 2.27 11.91 -2.81
N THR A 1266 2.50 10.97 -1.91
CA THR A 1266 2.33 9.56 -2.25
C THR A 1266 0.89 9.24 -2.59
N PHE A 1267 -0.06 9.79 -1.83
CA PHE A 1267 -1.46 9.43 -2.03
C PHE A 1267 -1.96 9.81 -3.42
N LYS A 1268 -1.39 10.85 -4.03
CA LYS A 1268 -1.80 11.21 -5.38
C LYS A 1268 -1.56 10.06 -6.35
N LYS A 1269 -0.46 9.33 -6.17
CA LYS A 1269 -0.22 8.12 -6.95
C LYS A 1269 -0.97 6.91 -6.40
N GLN A 1270 -1.54 7.01 -5.20
CA GLN A 1270 -2.32 5.95 -4.55
C GLN A 1270 -1.46 4.82 -4.02
N TRP A 1271 -0.14 5.00 -3.97
CA TRP A 1271 0.77 3.98 -3.44
C TRP A 1271 0.88 4.18 -1.94
N THR A 1272 -0.13 3.67 -1.22
CA THR A 1272 -0.14 3.79 0.24
C THR A 1272 1.04 3.06 0.86
N SER A 1273 1.34 1.87 0.37
CA SER A 1273 2.46 1.08 0.89
C SER A 1273 3.32 0.56 -0.25
N ILE A 1276 10.16 2.21 0.61
CA ILE A 1276 10.54 3.31 -0.26
C ILE A 1276 9.79 3.21 -1.58
N VAL A 1277 9.35 4.36 -2.09
CA VAL A 1277 8.62 4.44 -3.36
C VAL A 1277 9.37 5.39 -4.28
N ILE A 1278 9.63 4.95 -5.51
CA ILE A 1278 10.29 5.75 -6.52
C ILE A 1278 9.41 5.74 -7.77
N GLU A 1279 9.19 6.92 -8.34
CA GLU A 1279 8.34 7.08 -9.51
C GLU A 1279 9.21 7.32 -10.74
N ASP A 1280 8.99 6.50 -11.77
CA ASP A 1280 9.70 6.70 -13.03
C ASP A 1280 9.20 7.98 -13.68
N PRO A 1281 10.08 8.92 -14.03
CA PRO A 1281 9.60 10.20 -14.57
C PRO A 1281 8.72 10.05 -15.80
N PHE A 1282 9.02 9.09 -16.68
CA PHE A 1282 8.25 8.90 -17.90
C PHE A 1282 7.02 8.04 -17.67
N ASP A 1283 7.13 6.98 -16.85
CA ASP A 1283 6.01 6.10 -16.53
C ASP A 1283 5.55 6.45 -15.11
N LEU A 1284 4.49 7.25 -15.04
CA LEU A 1284 4.02 7.71 -13.73
C LEU A 1284 3.50 6.55 -12.88
N ASN A 1285 2.74 5.63 -13.50
CA ASN A 1285 2.16 4.52 -12.74
C ASN A 1285 3.23 3.53 -12.29
N HIS A 1286 4.25 3.32 -13.10
CA HIS A 1286 5.28 2.34 -12.75
C HIS A 1286 6.02 2.78 -11.50
N ASN A 1287 6.30 1.82 -10.62
CA ASN A 1287 7.04 2.05 -9.39
C ASN A 1287 8.23 1.11 -9.34
N LEU A 1288 9.41 1.66 -9.06
CA LEU A 1288 10.62 0.83 -9.03
C LEU A 1288 10.66 -0.05 -7.79
N GLY A 1289 10.02 0.37 -6.70
CA GLY A 1289 9.99 -0.38 -5.47
C GLY A 1289 8.77 -1.27 -5.30
N ALA A 1290 8.00 -1.50 -6.36
CA ALA A 1290 6.81 -2.35 -6.24
C ALA A 1290 7.17 -3.76 -5.85
N GLY A 1291 8.24 -4.30 -6.42
CA GLY A 1291 8.66 -5.66 -6.12
C GLY A 1291 9.69 -5.73 -5.00
N LEU A 1292 9.78 -4.66 -4.22
CA LEU A 1292 10.75 -4.55 -3.15
C LEU A 1292 10.08 -4.80 -1.81
N SER A 1293 10.66 -5.69 -1.01
CA SER A 1293 10.10 -6.04 0.29
C SER A 1293 10.57 -5.07 1.36
N ARG A 1294 9.91 -5.13 2.52
CA ARG A 1294 10.25 -4.25 3.62
C ARG A 1294 11.66 -4.54 4.15
N LYS A 1295 12.04 -5.81 4.22
CA LYS A 1295 13.35 -6.16 4.74
C LYS A 1295 14.46 -5.55 3.89
N MET A 1296 14.33 -5.66 2.56
CA MET A 1296 15.33 -5.08 1.69
C MET A 1296 15.33 -3.56 1.78
N THR A 1297 14.16 -2.94 1.94
CA THR A 1297 14.09 -1.50 2.12
C THR A 1297 14.86 -1.06 3.36
N ASN A 1298 14.65 -1.77 4.48
CA ASN A 1298 15.35 -1.42 5.71
C ASN A 1298 16.85 -1.67 5.58
N PHE A 1299 17.24 -2.72 4.87
CA PHE A 1299 18.66 -2.95 4.61
C PHE A 1299 19.26 -1.80 3.82
N ILE A 1300 18.57 -1.35 2.78
CA ILE A 1300 19.07 -0.24 1.96
C ILE A 1300 19.19 1.02 2.79
N MET A 1301 18.19 1.30 3.63
CA MET A 1301 18.23 2.52 4.43
C MET A 1301 19.32 2.43 5.51
N LYS A 1302 19.54 1.23 6.06
CA LYS A 1302 20.64 1.04 7.00
C LYS A 1302 21.97 1.31 6.31
N ALA A 1303 22.13 0.80 5.08
CA ALA A 1303 23.35 1.07 4.32
C ALA A 1303 23.52 2.57 4.09
N PHE A 1304 22.44 3.26 3.73
CA PHE A 1304 22.52 4.69 3.48
C PHE A 1304 22.95 5.46 4.73
N ILE A 1305 22.38 5.12 5.88
CA ILE A 1305 22.74 5.82 7.11
C ILE A 1305 24.18 5.50 7.51
N ASN A 1306 24.61 4.25 7.27
CA ASN A 1306 26.00 3.90 7.54
C ASN A 1306 26.95 4.72 6.66
N GLY A 1307 26.62 4.87 5.38
CA GLY A 1307 27.42 5.70 4.51
C GLY A 1307 27.45 7.14 4.96
N ARG A 1308 26.30 7.66 5.38
CA ARG A 1308 26.26 9.03 5.91
C ARG A 1308 27.16 9.17 7.13
N ARG A 1309 27.11 8.18 8.03
CA ARG A 1309 27.94 8.23 9.23
C ARG A 1309 29.42 8.21 8.88
N VAL A 1310 29.82 7.32 7.96
CA VAL A 1310 31.23 7.19 7.65
C VAL A 1310 31.74 8.43 6.91
N PHE A 1311 30.93 8.99 6.02
CA PHE A 1311 31.38 10.14 5.24
C PHE A 1311 31.36 11.44 6.07
N GLY A 1312 30.38 11.58 6.97
CA GLY A 1312 30.24 12.85 7.68
C GLY A 1312 31.40 13.14 8.61
N ILE A 1313 31.85 12.15 9.36
CA ILE A 1313 32.87 12.36 10.40
C ILE A 1313 34.23 12.58 9.75
N PRO A 1314 34.87 13.73 9.97
CA PRO A 1314 36.23 13.90 9.46
C PRO A 1314 37.23 12.97 10.14
N VAL A 1315 38.26 12.58 9.39
CA VAL A 1315 39.31 11.72 9.90
C VAL A 1315 40.64 12.24 9.38
N LYS A 1316 41.65 12.25 10.25
CA LYS A 1316 42.99 12.72 9.88
C LYS A 1316 44.05 11.75 10.39
N PRO A 1323 44.62 0.63 2.60
CA PRO A 1323 45.89 1.02 1.98
C PRO A 1323 45.75 2.22 1.03
N SER A 1324 44.52 2.49 0.58
CA SER A 1324 44.24 3.59 -0.31
C SER A 1324 43.00 4.33 0.18
N LYS A 1325 42.91 5.61 -0.19
CA LYS A 1325 41.76 6.41 0.22
C LYS A 1325 40.47 5.86 -0.37
N MET A 1326 40.53 5.24 -1.55
CA MET A 1326 39.33 4.64 -2.13
C MET A 1326 38.81 3.51 -1.25
N GLU A 1327 39.71 2.67 -0.74
CA GLU A 1327 39.28 1.52 0.04
C GLU A 1327 38.68 1.93 1.38
N TYR A 1328 39.17 3.03 1.97
CA TYR A 1328 38.64 3.47 3.25
C TYR A 1328 37.15 3.79 3.15
N PHE A 1329 36.75 4.48 2.09
CA PHE A 1329 35.34 4.74 1.82
C PHE A 1329 34.74 3.61 0.99
N PHE A 1330 33.41 3.54 1.00
CA PHE A 1330 32.68 2.53 0.25
C PHE A 1330 33.10 1.11 0.65
N ASP A 1331 33.50 0.93 1.90
CA ASP A 1331 33.91 -0.38 2.38
C ASP A 1331 32.68 -1.23 2.66
N PRO A 1332 32.52 -2.40 2.03
CA PRO A 1332 31.33 -3.21 2.32
C PRO A 1332 31.19 -3.59 3.78
N ASP A 1333 32.31 -3.87 4.47
CA ASP A 1333 32.24 -4.26 5.86
C ASP A 1333 31.80 -3.09 6.74
N VAL A 1334 32.43 -1.93 6.55
CA VAL A 1334 32.08 -0.76 7.37
C VAL A 1334 30.65 -0.34 7.10
N LEU A 1335 30.24 -0.30 5.83
CA LEU A 1335 28.90 0.13 5.46
C LEU A 1335 27.82 -0.89 5.79
N THR A 1336 28.20 -2.12 6.14
CA THR A 1336 27.23 -3.15 6.49
C THR A 1336 27.69 -3.91 7.73
#